data_2EP0
#
_entry.id   2EP0
#
loop_
_entity.id
_entity.type
_entity.pdbx_description
1 polymer 'Zinc finger protein 28 homolog'
2 non-polymer 'ZINC ION'
#
_entity_poly.entity_id   1
_entity_poly.type   'polypeptide(L)'
_entity_poly.pdbx_seq_one_letter_code
;GSSGSSGTGEKPYKCDVCHKSFRYGSSLTVHQRIHTGEKPSGPSSG
;
_entity_poly.pdbx_strand_id   A
#
# COMPACT_ATOMS: atom_id res chain seq x y z
N GLY A 1 14.98 13.03 -3.47
CA GLY A 1 14.09 12.40 -4.41
C GLY A 1 14.50 10.98 -4.75
N SER A 2 15.81 10.76 -4.89
CA SER A 2 16.33 9.44 -5.21
C SER A 2 16.16 8.49 -4.03
N SER A 3 16.06 7.19 -4.33
CA SER A 3 15.90 6.18 -3.30
C SER A 3 16.90 6.38 -2.17
N GLY A 4 16.49 6.01 -0.95
CA GLY A 4 17.36 6.17 0.19
C GLY A 4 16.69 5.76 1.49
N SER A 5 16.51 4.46 1.67
CA SER A 5 15.87 3.94 2.88
C SER A 5 16.89 3.24 3.78
N SER A 6 17.44 3.99 4.72
CA SER A 6 18.44 3.44 5.65
C SER A 6 17.75 2.60 6.73
N GLY A 7 17.70 1.29 6.52
CA GLY A 7 17.07 0.40 7.48
C GLY A 7 15.58 0.28 7.27
N THR A 8 14.83 1.30 7.68
CA THR A 8 13.39 1.29 7.54
C THR A 8 12.98 1.07 6.08
N GLY A 9 12.46 -0.12 5.79
CA GLY A 9 12.04 -0.44 4.44
C GLY A 9 11.22 -1.70 4.38
N GLU A 10 11.79 -2.81 4.82
CA GLU A 10 11.11 -4.09 4.81
C GLU A 10 10.11 -4.19 5.97
N LYS A 11 8.88 -3.74 5.72
CA LYS A 11 7.84 -3.78 6.73
C LYS A 11 7.00 -5.05 6.60
N PRO A 12 6.54 -5.57 7.75
CA PRO A 12 5.71 -6.78 7.79
C PRO A 12 4.32 -6.56 7.21
N TYR A 13 3.98 -5.30 6.99
CA TYR A 13 2.67 -4.96 6.43
C TYR A 13 2.81 -4.02 5.23
N LYS A 14 2.67 -4.59 4.04
CA LYS A 14 2.79 -3.81 2.81
C LYS A 14 1.52 -3.94 1.97
N CYS A 15 0.98 -2.81 1.54
CA CYS A 15 -0.23 -2.80 0.73
C CYS A 15 -0.12 -3.79 -0.43
N ASP A 16 -1.25 -4.29 -0.88
CA ASP A 16 -1.29 -5.25 -1.99
C ASP A 16 -1.90 -4.62 -3.23
N VAL A 17 -1.93 -3.29 -3.26
CA VAL A 17 -2.48 -2.56 -4.40
C VAL A 17 -1.51 -1.50 -4.90
N CYS A 18 -0.86 -0.82 -3.95
CA CYS A 18 0.10 0.22 -4.29
C CYS A 18 1.50 -0.16 -3.84
N HIS A 19 1.59 -1.18 -2.99
CA HIS A 19 2.87 -1.64 -2.48
C HIS A 19 3.44 -0.67 -1.44
N LYS A 20 2.58 -0.25 -0.50
CA LYS A 20 2.98 0.68 0.54
C LYS A 20 3.32 -0.07 1.82
N SER A 21 4.61 -0.11 2.16
CA SER A 21 5.07 -0.80 3.36
C SER A 21 4.56 -0.09 4.62
N PHE A 22 4.41 -0.84 5.70
CA PHE A 22 3.93 -0.29 6.96
C PHE A 22 4.46 -1.09 8.14
N ARG A 23 5.31 -0.47 8.94
CA ARG A 23 5.89 -1.13 10.11
C ARG A 23 4.80 -1.73 10.99
N TYR A 24 3.60 -1.15 10.92
CA TYR A 24 2.47 -1.62 11.72
C TYR A 24 1.31 -2.01 10.82
N GLY A 25 0.62 -3.08 11.20
CA GLY A 25 -0.51 -3.55 10.42
C GLY A 25 -1.64 -2.54 10.37
N SER A 26 -1.92 -1.92 11.51
CA SER A 26 -2.99 -0.92 11.59
C SER A 26 -2.77 0.20 10.59
N SER A 27 -1.52 0.66 10.49
CA SER A 27 -1.18 1.74 9.56
C SER A 27 -1.58 1.36 8.13
N LEU A 28 -1.23 0.16 7.71
CA LEU A 28 -1.55 -0.32 6.38
C LEU A 28 -3.04 -0.16 6.08
N THR A 29 -3.87 -0.85 6.86
CA THR A 29 -5.31 -0.78 6.69
C THR A 29 -5.79 0.67 6.62
N VAL A 30 -5.47 1.44 7.66
CA VAL A 30 -5.87 2.84 7.72
C VAL A 30 -5.50 3.57 6.43
N HIS A 31 -4.51 3.04 5.72
CA HIS A 31 -4.06 3.65 4.47
C HIS A 31 -4.87 3.13 3.30
N GLN A 32 -5.12 1.83 3.28
CA GLN A 32 -5.89 1.20 2.21
C GLN A 32 -7.25 1.88 2.06
N ARG A 33 -7.62 2.69 3.04
CA ARG A 33 -8.89 3.39 3.01
C ARG A 33 -9.12 4.06 1.67
N ILE A 34 -8.04 4.59 1.08
CA ILE A 34 -8.11 5.25 -0.20
C ILE A 34 -8.34 4.26 -1.34
N HIS A 35 -7.92 3.01 -1.11
CA HIS A 35 -8.07 1.96 -2.10
C HIS A 35 -9.50 1.41 -2.11
N THR A 36 -10.21 1.64 -1.00
CA THR A 36 -11.59 1.17 -0.88
C THR A 36 -12.57 2.33 -0.92
N GLY A 37 -13.61 2.20 -1.74
CA GLY A 37 -14.60 3.24 -1.86
C GLY A 37 -14.43 4.07 -3.12
N GLU A 38 -13.67 5.15 -3.02
CA GLU A 38 -13.43 6.03 -4.16
C GLU A 38 -12.41 5.42 -5.11
N LYS A 39 -12.54 5.74 -6.39
CA LYS A 39 -11.62 5.22 -7.41
C LYS A 39 -10.21 5.09 -6.85
N PRO A 40 -9.49 4.05 -7.30
CA PRO A 40 -8.12 3.79 -6.84
C PRO A 40 -7.13 4.82 -7.39
N SER A 41 -5.95 4.88 -6.78
CA SER A 41 -4.92 5.82 -7.20
C SER A 41 -3.57 5.13 -7.34
N GLY A 42 -2.64 5.80 -8.01
CA GLY A 42 -1.32 5.23 -8.21
C GLY A 42 -1.19 4.50 -9.53
N PRO A 43 0.01 3.97 -9.81
CA PRO A 43 0.27 3.24 -11.05
C PRO A 43 -0.44 1.89 -11.09
N SER A 44 -1.09 1.62 -12.22
CA SER A 44 -1.82 0.36 -12.39
C SER A 44 -1.30 -0.41 -13.59
N SER A 45 -1.35 0.22 -14.76
CA SER A 45 -0.89 -0.41 -15.99
C SER A 45 -0.81 0.60 -17.12
N GLY A 46 0.07 0.35 -18.08
CA GLY A 46 0.23 1.25 -19.21
C GLY A 46 -1.11 1.68 -19.80
N GLY A 1 20.96 -21.17 -3.31
CA GLY A 1 22.18 -20.39 -3.38
C GLY A 1 22.90 -20.31 -2.06
N SER A 2 24.19 -19.97 -2.10
CA SER A 2 25.00 -19.87 -0.89
C SER A 2 24.19 -19.22 0.24
N SER A 3 24.05 -19.94 1.35
CA SER A 3 23.31 -19.43 2.51
C SER A 3 23.66 -17.97 2.76
N GLY A 4 22.63 -17.14 2.86
CA GLY A 4 22.85 -15.72 3.11
C GLY A 4 21.60 -14.90 2.85
N SER A 5 21.65 -13.62 3.23
CA SER A 5 20.52 -12.72 3.03
C SER A 5 20.86 -11.63 2.02
N SER A 6 19.90 -11.29 1.17
CA SER A 6 20.09 -10.27 0.15
C SER A 6 19.24 -9.03 0.45
N GLY A 7 19.89 -7.97 0.90
CA GLY A 7 19.18 -6.74 1.22
C GLY A 7 18.29 -6.88 2.43
N THR A 8 18.12 -5.81 3.17
CA THR A 8 17.28 -5.82 4.36
C THR A 8 15.81 -5.98 3.99
N GLY A 9 15.04 -6.57 4.91
CA GLY A 9 13.63 -6.77 4.67
C GLY A 9 12.82 -5.51 4.81
N GLU A 10 11.57 -5.54 4.33
CA GLU A 10 10.70 -4.37 4.40
C GLU A 10 9.67 -4.54 5.51
N LYS A 11 8.87 -3.50 5.73
CA LYS A 11 7.83 -3.53 6.76
C LYS A 11 7.03 -4.82 6.68
N PRO A 12 6.58 -5.31 7.85
CA PRO A 12 5.79 -6.54 7.93
C PRO A 12 4.39 -6.38 7.35
N TYR A 13 4.03 -5.14 7.04
CA TYR A 13 2.72 -4.85 6.46
C TYR A 13 2.83 -3.89 5.29
N LYS A 14 2.73 -4.43 4.08
CA LYS A 14 2.81 -3.63 2.87
C LYS A 14 1.56 -3.79 2.01
N CYS A 15 1.01 -2.67 1.57
CA CYS A 15 -0.18 -2.68 0.74
C CYS A 15 -0.06 -3.68 -0.40
N ASP A 16 -1.19 -4.18 -0.89
CA ASP A 16 -1.20 -5.15 -1.98
C ASP A 16 -1.78 -4.53 -3.24
N VAL A 17 -1.86 -3.20 -3.27
CA VAL A 17 -2.40 -2.48 -4.42
C VAL A 17 -1.44 -1.40 -4.89
N CYS A 18 -0.78 -0.75 -3.95
CA CYS A 18 0.17 0.31 -4.27
C CYS A 18 1.56 -0.02 -3.74
N HIS A 19 1.67 -1.13 -3.01
CA HIS A 19 2.93 -1.57 -2.45
C HIS A 19 3.45 -0.56 -1.43
N LYS A 20 2.62 -0.22 -0.46
CA LYS A 20 2.99 0.74 0.58
C LYS A 20 3.36 0.02 1.88
N SER A 21 4.64 0.02 2.20
CA SER A 21 5.12 -0.63 3.42
C SER A 21 4.59 0.07 4.67
N PHE A 22 4.40 -0.68 5.74
CA PHE A 22 3.89 -0.13 6.99
C PHE A 22 4.41 -0.92 8.18
N ARG A 23 5.34 -0.33 8.92
CA ARG A 23 5.93 -0.98 10.09
C ARG A 23 4.85 -1.66 10.92
N TYR A 24 3.66 -1.06 10.95
CA TYR A 24 2.54 -1.60 11.71
C TYR A 24 1.41 -2.03 10.79
N GLY A 25 0.67 -3.05 11.21
CA GLY A 25 -0.44 -3.54 10.42
C GLY A 25 -1.62 -2.58 10.42
N SER A 26 -1.84 -1.92 11.54
CA SER A 26 -2.95 -0.98 11.67
C SER A 26 -2.80 0.17 10.67
N SER A 27 -1.57 0.66 10.52
CA SER A 27 -1.29 1.76 9.61
C SER A 27 -1.68 1.39 8.18
N LEU A 28 -1.26 0.21 7.74
CA LEU A 28 -1.56 -0.27 6.40
C LEU A 28 -3.05 -0.15 6.11
N THR A 29 -3.87 -0.86 6.89
CA THR A 29 -5.31 -0.84 6.71
C THR A 29 -5.83 0.59 6.66
N VAL A 30 -5.54 1.37 7.69
CA VAL A 30 -5.98 2.75 7.75
C VAL A 30 -5.60 3.51 6.49
N HIS A 31 -4.63 2.98 5.75
CA HIS A 31 -4.18 3.60 4.51
C HIS A 31 -4.95 3.05 3.31
N GLN A 32 -5.16 1.73 3.30
CA GLN A 32 -5.88 1.09 2.21
C GLN A 32 -7.25 1.73 2.01
N ARG A 33 -7.67 2.54 2.97
CA ARG A 33 -8.96 3.22 2.90
C ARG A 33 -9.15 3.89 1.55
N ILE A 34 -8.07 4.47 1.03
CA ILE A 34 -8.11 5.15 -0.26
C ILE A 34 -8.30 4.16 -1.39
N HIS A 35 -7.92 2.91 -1.15
CA HIS A 35 -8.05 1.87 -2.16
C HIS A 35 -9.45 1.28 -2.16
N THR A 36 -10.21 1.56 -1.10
CA THR A 36 -11.58 1.06 -0.98
C THR A 36 -12.57 2.21 -0.77
N GLY A 37 -13.47 2.38 -1.72
CA GLY A 37 -14.46 3.45 -1.62
C GLY A 37 -15.32 3.56 -2.86
N GLU A 38 -16.61 3.28 -2.70
CA GLU A 38 -17.54 3.35 -3.82
C GLU A 38 -18.95 3.67 -3.34
N LYS A 39 -19.49 4.80 -3.81
CA LYS A 39 -20.83 5.22 -3.42
C LYS A 39 -21.89 4.46 -4.21
N PRO A 40 -22.89 3.93 -3.50
CA PRO A 40 -23.98 3.18 -4.13
C PRO A 40 -24.91 4.07 -4.94
N SER A 41 -24.55 4.30 -6.19
CA SER A 41 -25.35 5.14 -7.08
C SER A 41 -25.09 4.79 -8.54
N GLY A 42 -26.17 4.63 -9.30
CA GLY A 42 -26.05 4.29 -10.70
C GLY A 42 -27.33 3.73 -11.29
N PRO A 43 -27.21 2.96 -12.38
CA PRO A 43 -28.36 2.34 -13.05
C PRO A 43 -28.99 1.24 -12.22
N SER A 44 -30.32 1.18 -12.21
CA SER A 44 -31.04 0.17 -11.46
C SER A 44 -31.64 -0.88 -12.40
N SER A 45 -31.41 -2.14 -12.08
CA SER A 45 -31.93 -3.24 -12.89
C SER A 45 -32.74 -4.22 -12.04
N GLY A 46 -33.87 -4.66 -12.56
CA GLY A 46 -34.72 -5.60 -11.84
C GLY A 46 -35.25 -5.00 -10.55
N GLY A 1 22.73 -12.65 -11.25
CA GLY A 1 23.48 -11.65 -11.99
C GLY A 1 23.79 -10.42 -11.16
N SER A 2 23.04 -9.35 -11.37
CA SER A 2 23.25 -8.11 -10.64
C SER A 2 21.99 -7.72 -9.88
N SER A 3 20.87 -8.34 -10.22
CA SER A 3 19.60 -8.05 -9.57
C SER A 3 19.63 -8.45 -8.11
N GLY A 4 19.01 -7.63 -7.25
CA GLY A 4 18.98 -7.93 -5.83
C GLY A 4 18.11 -6.97 -5.07
N SER A 5 18.62 -6.49 -3.93
CA SER A 5 17.87 -5.56 -3.09
C SER A 5 18.57 -4.20 -3.03
N SER A 6 17.76 -3.14 -3.02
CA SER A 6 18.31 -1.79 -2.97
C SER A 6 18.79 -1.44 -1.56
N GLY A 7 17.92 -1.68 -0.58
CA GLY A 7 18.27 -1.38 0.81
C GLY A 7 17.77 -2.44 1.76
N THR A 8 18.44 -2.57 2.91
CA THR A 8 18.06 -3.56 3.91
C THR A 8 16.98 -3.00 4.83
N GLY A 9 15.72 -3.14 4.41
CA GLY A 9 14.61 -2.65 5.21
C GLY A 9 13.26 -2.95 4.58
N GLU A 10 12.41 -3.65 5.31
CA GLU A 10 11.08 -4.00 4.81
C GLU A 10 10.08 -4.08 5.95
N LYS A 11 8.84 -3.68 5.68
CA LYS A 11 7.79 -3.71 6.68
C LYS A 11 6.96 -4.98 6.57
N PRO A 12 6.53 -5.52 7.72
CA PRO A 12 5.73 -6.75 7.77
C PRO A 12 4.32 -6.54 7.23
N TYR A 13 3.98 -5.28 6.94
CA TYR A 13 2.66 -4.95 6.42
C TYR A 13 2.77 -3.99 5.25
N LYS A 14 2.65 -4.52 4.04
CA LYS A 14 2.73 -3.72 2.83
C LYS A 14 1.46 -3.85 1.99
N CYS A 15 0.94 -2.73 1.51
CA CYS A 15 -0.26 -2.72 0.69
C CYS A 15 -0.14 -3.71 -0.47
N ASP A 16 -1.26 -4.29 -0.87
CA ASP A 16 -1.29 -5.25 -1.97
C ASP A 16 -1.89 -4.63 -3.22
N VAL A 17 -1.93 -3.29 -3.25
CA VAL A 17 -2.48 -2.58 -4.39
C VAL A 17 -1.51 -1.51 -4.89
N CYS A 18 -0.87 -0.82 -3.95
CA CYS A 18 0.08 0.23 -4.29
C CYS A 18 1.48 -0.13 -3.80
N HIS A 19 1.58 -1.22 -3.03
CA HIS A 19 2.86 -1.67 -2.51
C HIS A 19 3.40 -0.67 -1.48
N LYS A 20 2.55 -0.29 -0.53
CA LYS A 20 2.94 0.66 0.51
C LYS A 20 3.30 -0.07 1.80
N SER A 21 4.59 -0.11 2.11
CA SER A 21 5.06 -0.78 3.32
C SER A 21 4.57 -0.06 4.57
N PHE A 22 4.39 -0.81 5.65
CA PHE A 22 3.92 -0.25 6.91
C PHE A 22 4.46 -1.05 8.09
N ARG A 23 5.31 -0.41 8.88
CA ARG A 23 5.89 -1.06 10.05
C ARG A 23 4.81 -1.66 10.95
N TYR A 24 3.62 -1.06 10.91
CA TYR A 24 2.51 -1.53 11.72
C TYR A 24 1.36 -2.00 10.84
N GLY A 25 0.69 -3.06 11.26
CA GLY A 25 -0.43 -3.60 10.50
C GLY A 25 -1.59 -2.63 10.42
N SER A 26 -1.89 -1.98 11.53
CA SER A 26 -2.99 -1.03 11.59
C SER A 26 -2.78 0.10 10.58
N SER A 27 -1.56 0.62 10.52
CA SER A 27 -1.23 1.70 9.60
C SER A 27 -1.63 1.34 8.16
N LEU A 28 -1.24 0.15 7.73
CA LEU A 28 -1.55 -0.31 6.39
C LEU A 28 -3.04 -0.16 6.09
N THR A 29 -3.87 -0.86 6.87
CA THR A 29 -5.31 -0.79 6.70
C THR A 29 -5.80 0.66 6.66
N VAL A 30 -5.47 1.41 7.70
CA VAL A 30 -5.87 2.81 7.79
C VAL A 30 -5.50 3.57 6.52
N HIS A 31 -4.57 3.01 5.76
CA HIS A 31 -4.12 3.63 4.52
C HIS A 31 -4.91 3.10 3.32
N GLN A 32 -5.14 1.80 3.30
CA GLN A 32 -5.88 1.17 2.22
C GLN A 32 -7.23 1.84 2.02
N ARG A 33 -7.63 2.67 3.00
CA ARG A 33 -8.91 3.37 2.92
C ARG A 33 -9.09 4.05 1.57
N ILE A 34 -8.00 4.60 1.05
CA ILE A 34 -8.04 5.29 -0.24
C ILE A 34 -8.28 4.30 -1.37
N HIS A 35 -7.92 3.04 -1.14
CA HIS A 35 -8.10 1.99 -2.14
C HIS A 35 -9.53 1.46 -2.13
N THR A 36 -10.25 1.74 -1.04
CA THR A 36 -11.63 1.30 -0.90
C THR A 36 -12.58 2.48 -0.83
N GLY A 37 -13.61 2.46 -1.68
CA GLY A 37 -14.58 3.54 -1.69
C GLY A 37 -14.68 4.21 -3.04
N GLU A 38 -14.61 3.42 -4.11
CA GLU A 38 -14.68 3.95 -5.46
C GLU A 38 -15.62 3.10 -6.32
N LYS A 39 -16.27 3.74 -7.28
CA LYS A 39 -17.20 3.05 -8.17
C LYS A 39 -16.44 2.21 -9.20
N PRO A 40 -16.89 0.97 -9.40
CA PRO A 40 -16.27 0.04 -10.35
C PRO A 40 -16.50 0.47 -11.81
N SER A 41 -15.53 1.18 -12.36
CA SER A 41 -15.63 1.65 -13.74
C SER A 41 -14.27 2.12 -14.25
N GLY A 42 -14.07 2.04 -15.56
CA GLY A 42 -12.82 2.48 -16.16
C GLY A 42 -12.96 2.82 -17.62
N PRO A 43 -12.04 3.66 -18.13
CA PRO A 43 -12.05 4.09 -19.53
C PRO A 43 -11.68 2.96 -20.49
N SER A 44 -12.56 2.71 -21.45
CA SER A 44 -12.34 1.65 -22.43
C SER A 44 -12.79 2.09 -23.82
N SER A 45 -11.83 2.32 -24.70
CA SER A 45 -12.13 2.75 -26.07
C SER A 45 -11.58 1.75 -27.08
N GLY A 46 -12.48 0.95 -27.66
CA GLY A 46 -12.07 -0.03 -28.64
C GLY A 46 -10.96 0.47 -29.53
N GLY A 1 22.32 7.52 -4.08
CA GLY A 1 21.86 7.44 -5.46
C GLY A 1 21.94 6.04 -6.01
N SER A 2 21.58 5.05 -5.19
CA SER A 2 21.62 3.66 -5.60
C SER A 2 20.20 3.09 -5.72
N SER A 3 19.89 2.54 -6.89
CA SER A 3 18.57 1.97 -7.14
C SER A 3 18.63 0.45 -7.08
N GLY A 4 17.44 -0.17 -6.99
CA GLY A 4 17.39 -1.63 -6.94
C GLY A 4 17.01 -2.13 -5.56
N SER A 5 17.01 -3.45 -5.39
CA SER A 5 16.66 -4.06 -4.12
C SER A 5 15.53 -3.29 -3.43
N SER A 6 14.55 -2.87 -4.23
CA SER A 6 13.42 -2.13 -3.71
C SER A 6 12.09 -2.72 -4.19
N GLY A 7 11.15 -2.88 -3.26
CA GLY A 7 9.85 -3.44 -3.61
C GLY A 7 9.46 -4.58 -2.70
N THR A 8 10.43 -5.43 -2.36
CA THR A 8 10.18 -6.57 -1.50
C THR A 8 9.21 -6.21 -0.38
N GLY A 9 9.42 -5.05 0.24
CA GLY A 9 8.57 -4.61 1.32
C GLY A 9 9.17 -4.89 2.69
N GLU A 10 10.03 -3.98 3.15
CA GLU A 10 10.68 -4.14 4.45
C GLU A 10 9.64 -4.41 5.54
N LYS A 11 8.77 -3.43 5.77
CA LYS A 11 7.73 -3.56 6.79
C LYS A 11 6.95 -4.85 6.61
N PRO A 12 6.55 -5.46 7.73
CA PRO A 12 5.79 -6.71 7.73
C PRO A 12 4.37 -6.53 7.21
N TYR A 13 3.98 -5.28 7.00
CA TYR A 13 2.64 -4.96 6.51
C TYR A 13 2.71 -3.97 5.36
N LYS A 14 2.73 -4.47 4.14
CA LYS A 14 2.80 -3.63 2.95
C LYS A 14 1.55 -3.80 2.09
N CYS A 15 1.02 -2.69 1.59
CA CYS A 15 -0.17 -2.72 0.75
C CYS A 15 -0.03 -3.75 -0.36
N ASP A 16 -1.16 -4.21 -0.88
CA ASP A 16 -1.15 -5.20 -1.96
C ASP A 16 -1.73 -4.61 -3.24
N VAL A 17 -1.84 -3.28 -3.27
CA VAL A 17 -2.37 -2.59 -4.44
C VAL A 17 -1.42 -1.49 -4.91
N CYS A 18 -0.78 -0.82 -3.96
CA CYS A 18 0.15 0.25 -4.28
C CYS A 18 1.57 -0.12 -3.83
N HIS A 19 1.66 -1.13 -2.96
CA HIS A 19 2.96 -1.57 -2.47
C HIS A 19 3.51 -0.60 -1.43
N LYS A 20 2.67 -0.23 -0.48
CA LYS A 20 3.07 0.72 0.57
C LYS A 20 3.38 -0.03 1.87
N SER A 21 4.66 -0.08 2.23
CA SER A 21 5.08 -0.75 3.45
C SER A 21 4.58 -0.02 4.69
N PHE A 22 4.29 -0.77 5.74
CA PHE A 22 3.80 -0.19 6.98
C PHE A 22 4.27 -1.00 8.18
N ARG A 23 5.23 -0.47 8.92
CA ARG A 23 5.76 -1.15 10.09
C ARG A 23 4.65 -1.57 11.04
N TYR A 24 3.55 -0.82 11.01
CA TYR A 24 2.40 -1.11 11.86
C TYR A 24 1.25 -1.70 11.06
N GLY A 25 0.83 -2.91 11.42
CA GLY A 25 -0.26 -3.57 10.72
C GLY A 25 -1.49 -2.68 10.60
N SER A 26 -1.78 -1.93 11.66
CA SER A 26 -2.93 -1.04 11.67
C SER A 26 -2.79 0.06 10.62
N SER A 27 -1.59 0.62 10.54
CA SER A 27 -1.31 1.68 9.58
C SER A 27 -1.74 1.28 8.18
N LEU A 28 -1.25 0.12 7.72
CA LEU A 28 -1.58 -0.38 6.40
C LEU A 28 -3.07 -0.24 6.12
N THR A 29 -3.87 -0.97 6.87
CA THR A 29 -5.33 -0.93 6.71
C THR A 29 -5.83 0.50 6.65
N VAL A 30 -5.49 1.29 7.66
CA VAL A 30 -5.90 2.69 7.73
C VAL A 30 -5.50 3.44 6.47
N HIS A 31 -4.51 2.91 5.77
CA HIS A 31 -4.01 3.53 4.54
C HIS A 31 -4.79 3.02 3.33
N GLN A 32 -4.99 1.71 3.27
CA GLN A 32 -5.71 1.11 2.17
C GLN A 32 -7.07 1.77 1.98
N ARG A 33 -7.50 2.54 2.97
CA ARG A 33 -8.79 3.23 2.91
C ARG A 33 -8.95 3.97 1.59
N ILE A 34 -7.85 4.51 1.08
CA ILE A 34 -7.88 5.24 -0.19
C ILE A 34 -8.14 4.30 -1.36
N HIS A 35 -7.78 3.03 -1.18
CA HIS A 35 -7.98 2.03 -2.23
C HIS A 35 -9.41 1.53 -2.23
N THR A 36 -10.11 1.75 -1.11
CA THR A 36 -11.49 1.30 -0.99
C THR A 36 -12.45 2.50 -0.88
N GLY A 37 -13.31 2.65 -1.88
CA GLY A 37 -14.25 3.76 -1.89
C GLY A 37 -15.06 3.83 -3.17
N GLU A 38 -14.78 4.84 -3.98
CA GLU A 38 -15.48 5.03 -5.24
C GLU A 38 -14.62 5.79 -6.24
N LYS A 39 -14.90 5.59 -7.53
CA LYS A 39 -14.15 6.26 -8.58
C LYS A 39 -14.34 7.76 -8.51
N PRO A 40 -13.44 8.51 -9.16
CA PRO A 40 -13.49 9.98 -9.19
C PRO A 40 -14.64 10.50 -10.02
N SER A 41 -15.04 11.75 -9.76
CA SER A 41 -16.14 12.36 -10.50
C SER A 41 -15.86 12.37 -12.00
N GLY A 42 -16.86 12.78 -12.78
CA GLY A 42 -16.70 12.83 -14.23
C GLY A 42 -17.23 14.11 -14.82
N PRO A 43 -16.46 14.71 -15.73
CA PRO A 43 -16.84 15.95 -16.40
C PRO A 43 -17.99 15.76 -17.37
N SER A 44 -18.66 16.86 -17.71
CA SER A 44 -19.80 16.80 -18.63
C SER A 44 -19.31 16.54 -20.06
N SER A 45 -19.11 15.27 -20.39
CA SER A 45 -18.65 14.88 -21.72
C SER A 45 -19.70 15.21 -22.77
N GLY A 46 -19.25 15.57 -23.96
CA GLY A 46 -20.17 15.90 -25.03
C GLY A 46 -21.06 17.08 -24.70
N GLY A 1 16.66 -6.33 -18.62
CA GLY A 1 15.56 -6.02 -17.73
C GLY A 1 15.98 -5.97 -16.27
N SER A 2 16.05 -4.78 -15.71
CA SER A 2 16.46 -4.61 -14.32
C SER A 2 15.29 -4.87 -13.38
N SER A 3 15.07 -6.14 -13.05
CA SER A 3 13.98 -6.52 -12.17
C SER A 3 14.49 -6.73 -10.74
N GLY A 4 15.36 -5.84 -10.29
CA GLY A 4 15.91 -5.94 -8.96
C GLY A 4 14.85 -5.82 -7.88
N SER A 5 15.27 -5.44 -6.68
CA SER A 5 14.34 -5.29 -5.57
C SER A 5 14.98 -4.51 -4.42
N SER A 6 14.34 -3.42 -4.01
CA SER A 6 14.85 -2.59 -2.93
C SER A 6 14.85 -3.35 -1.61
N GLY A 7 15.96 -4.01 -1.32
CA GLY A 7 16.06 -4.78 -0.08
C GLY A 7 16.46 -3.91 1.09
N THR A 8 15.69 -2.87 1.35
CA THR A 8 15.97 -1.96 2.46
C THR A 8 14.69 -1.61 3.21
N GLY A 9 14.69 -1.86 4.52
CA GLY A 9 13.52 -1.55 5.33
C GLY A 9 12.26 -2.21 4.81
N GLU A 10 12.09 -3.50 5.12
CA GLU A 10 10.92 -4.24 4.68
C GLU A 10 9.90 -4.39 5.80
N LYS A 11 8.82 -3.63 5.72
CA LYS A 11 7.78 -3.67 6.74
C LYS A 11 6.98 -4.97 6.63
N PRO A 12 6.52 -5.49 7.79
CA PRO A 12 5.73 -6.72 7.84
C PRO A 12 4.34 -6.55 7.26
N TYR A 13 3.97 -5.31 6.96
CA TYR A 13 2.67 -5.01 6.39
C TYR A 13 2.79 -4.04 5.21
N LYS A 14 2.66 -4.58 4.00
CA LYS A 14 2.76 -3.78 2.79
C LYS A 14 1.50 -3.92 1.94
N CYS A 15 0.94 -2.79 1.52
CA CYS A 15 -0.27 -2.79 0.71
C CYS A 15 -0.15 -3.79 -0.44
N ASP A 16 -1.29 -4.22 -0.96
CA ASP A 16 -1.33 -5.18 -2.05
C ASP A 16 -1.88 -4.54 -3.32
N VAL A 17 -1.93 -3.21 -3.34
CA VAL A 17 -2.43 -2.48 -4.50
C VAL A 17 -1.44 -1.42 -4.96
N CYS A 18 -0.79 -0.76 -4.01
CA CYS A 18 0.20 0.27 -4.31
C CYS A 18 1.57 -0.11 -3.76
N HIS A 19 1.63 -1.22 -3.05
CA HIS A 19 2.88 -1.69 -2.47
C HIS A 19 3.43 -0.68 -1.46
N LYS A 20 2.60 -0.32 -0.49
CA LYS A 20 2.99 0.64 0.54
C LYS A 20 3.33 -0.07 1.84
N SER A 21 4.61 -0.11 2.18
CA SER A 21 5.08 -0.76 3.40
C SER A 21 4.55 -0.03 4.63
N PHE A 22 4.36 -0.77 5.71
CA PHE A 22 3.86 -0.19 6.95
C PHE A 22 4.39 -0.97 8.16
N ARG A 23 5.33 -0.37 8.88
CA ARG A 23 5.91 -1.01 10.06
C ARG A 23 4.83 -1.64 10.93
N TYR A 24 3.66 -1.01 10.95
CA TYR A 24 2.55 -1.50 11.75
C TYR A 24 1.41 -1.99 10.85
N GLY A 25 0.70 -3.02 11.31
CA GLY A 25 -0.40 -3.57 10.55
C GLY A 25 -1.57 -2.61 10.45
N SER A 26 -1.87 -1.94 11.56
CA SER A 26 -2.99 -0.99 11.59
C SER A 26 -2.77 0.13 10.59
N SER A 27 -1.54 0.63 10.52
CA SER A 27 -1.20 1.71 9.60
C SER A 27 -1.60 1.36 8.17
N LEU A 28 -1.24 0.14 7.74
CA LEU A 28 -1.56 -0.32 6.40
C LEU A 28 -3.04 -0.15 6.10
N THR A 29 -3.88 -0.84 6.87
CA THR A 29 -5.32 -0.76 6.69
C THR A 29 -5.80 0.69 6.65
N VAL A 30 -5.45 1.44 7.68
CA VAL A 30 -5.84 2.85 7.76
C VAL A 30 -5.47 3.59 6.49
N HIS A 31 -4.54 3.04 5.73
CA HIS A 31 -4.10 3.65 4.48
C HIS A 31 -4.92 3.14 3.31
N GLN A 32 -5.11 1.83 3.24
CA GLN A 32 -5.88 1.21 2.17
C GLN A 32 -7.24 1.87 2.04
N ARG A 33 -7.63 2.64 3.06
CA ARG A 33 -8.92 3.31 3.05
C ARG A 33 -9.15 4.04 1.73
N ILE A 34 -8.05 4.45 1.09
CA ILE A 34 -8.14 5.15 -0.18
C ILE A 34 -8.38 4.19 -1.34
N HIS A 35 -7.92 2.95 -1.17
CA HIS A 35 -8.10 1.93 -2.19
C HIS A 35 -9.51 1.36 -2.16
N THR A 36 -10.23 1.64 -1.07
CA THR A 36 -11.60 1.15 -0.92
C THR A 36 -12.56 2.29 -0.64
N GLY A 37 -12.33 3.44 -1.29
CA GLY A 37 -13.19 4.58 -1.10
C GLY A 37 -13.93 4.98 -2.36
N GLU A 38 -13.42 5.98 -3.06
CA GLU A 38 -14.05 6.46 -4.29
C GLU A 38 -13.09 6.33 -5.46
N LYS A 39 -13.36 5.36 -6.34
CA LYS A 39 -12.53 5.13 -7.51
C LYS A 39 -13.33 4.51 -8.65
N PRO A 40 -12.96 4.83 -9.89
CA PRO A 40 -13.64 4.32 -11.08
C PRO A 40 -13.39 2.82 -11.28
N SER A 41 -12.66 2.22 -10.36
CA SER A 41 -12.34 0.79 -10.44
C SER A 41 -12.95 0.04 -9.27
N GLY A 42 -13.19 -1.26 -9.46
CA GLY A 42 -13.75 -2.07 -8.41
C GLY A 42 -13.03 -3.39 -8.22
N PRO A 43 -13.35 -4.11 -7.13
CA PRO A 43 -12.72 -5.39 -6.83
C PRO A 43 -13.14 -6.49 -7.80
N SER A 44 -13.97 -6.13 -8.77
CA SER A 44 -14.44 -7.08 -9.77
C SER A 44 -13.37 -8.12 -10.09
N SER A 45 -12.26 -7.66 -10.65
CA SER A 45 -11.16 -8.53 -11.02
C SER A 45 -10.23 -8.76 -9.83
N GLY A 46 -10.58 -9.70 -8.97
CA GLY A 46 -9.77 -9.98 -7.80
C GLY A 46 -9.12 -8.74 -7.23
N GLY A 1 21.05 -5.68 -15.33
CA GLY A 1 22.24 -5.13 -14.71
C GLY A 1 22.07 -4.89 -13.22
N SER A 2 22.99 -4.12 -12.64
CA SER A 2 22.94 -3.82 -11.21
C SER A 2 21.57 -3.24 -10.83
N SER A 3 20.86 -3.97 -9.97
CA SER A 3 19.54 -3.53 -9.52
C SER A 3 19.63 -2.77 -8.19
N GLY A 4 20.42 -3.32 -7.28
CA GLY A 4 20.59 -2.68 -5.98
C GLY A 4 19.31 -2.04 -5.48
N SER A 5 19.34 -0.73 -5.28
CA SER A 5 18.18 -0.01 -4.80
C SER A 5 17.44 -0.81 -3.73
N SER A 6 18.19 -1.44 -2.84
CA SER A 6 17.61 -2.25 -1.76
C SER A 6 17.80 -1.56 -0.41
N GLY A 7 16.94 -1.92 0.54
CA GLY A 7 17.03 -1.34 1.87
C GLY A 7 16.87 -2.37 2.96
N THR A 8 17.53 -2.14 4.09
CA THR A 8 17.47 -3.06 5.22
C THR A 8 16.13 -2.94 5.95
N GLY A 9 15.79 -3.98 6.70
CA GLY A 9 14.53 -3.97 7.44
C GLY A 9 13.32 -3.80 6.54
N GLU A 10 12.53 -4.85 6.42
CA GLU A 10 11.33 -4.81 5.58
C GLU A 10 10.07 -4.72 6.42
N LYS A 11 9.08 -3.98 5.93
CA LYS A 11 7.81 -3.82 6.63
C LYS A 11 6.94 -5.06 6.49
N PRO A 12 6.51 -5.61 7.63
CA PRO A 12 5.65 -6.81 7.65
C PRO A 12 4.25 -6.53 7.14
N TYR A 13 3.96 -5.26 6.86
CA TYR A 13 2.65 -4.86 6.36
C TYR A 13 2.79 -3.89 5.19
N LYS A 14 2.59 -4.41 3.98
CA LYS A 14 2.70 -3.59 2.77
C LYS A 14 1.46 -3.77 1.90
N CYS A 15 0.89 -2.65 1.46
CA CYS A 15 -0.29 -2.67 0.61
C CYS A 15 -0.12 -3.65 -0.55
N ASP A 16 -1.23 -4.16 -1.06
CA ASP A 16 -1.20 -5.11 -2.17
C ASP A 16 -1.79 -4.48 -3.43
N VAL A 17 -1.98 -3.17 -3.40
CA VAL A 17 -2.53 -2.45 -4.55
C VAL A 17 -1.59 -1.34 -5.00
N CYS A 18 -0.89 -0.74 -4.04
CA CYS A 18 0.05 0.33 -4.34
C CYS A 18 1.45 0.00 -3.85
N HIS A 19 1.56 -1.12 -3.12
CA HIS A 19 2.85 -1.55 -2.59
C HIS A 19 3.38 -0.55 -1.57
N LYS A 20 2.53 -0.17 -0.62
CA LYS A 20 2.91 0.78 0.41
C LYS A 20 3.25 0.07 1.71
N SER A 21 4.54 0.01 2.04
CA SER A 21 5.00 -0.65 3.26
C SER A 21 4.47 0.07 4.50
N PHE A 22 4.38 -0.67 5.60
CA PHE A 22 3.88 -0.10 6.85
C PHE A 22 4.45 -0.86 8.05
N ARG A 23 5.40 -0.25 8.74
CA ARG A 23 6.01 -0.87 9.90
C ARG A 23 4.96 -1.45 10.84
N TYR A 24 3.77 -0.85 10.81
CA TYR A 24 2.67 -1.30 11.66
C TYR A 24 1.51 -1.82 10.82
N GLY A 25 0.80 -2.82 11.34
CA GLY A 25 -0.33 -3.38 10.63
C GLY A 25 -1.49 -2.43 10.53
N SER A 26 -1.81 -1.76 11.63
CA SER A 26 -2.92 -0.81 11.66
C SER A 26 -2.75 0.25 10.58
N SER A 27 -1.55 0.80 10.47
CA SER A 27 -1.26 1.82 9.47
C SER A 27 -1.71 1.37 8.08
N LEU A 28 -1.22 0.21 7.66
CA LEU A 28 -1.57 -0.34 6.35
C LEU A 28 -3.07 -0.23 6.10
N THR A 29 -3.85 -0.97 6.88
CA THR A 29 -5.29 -0.95 6.74
C THR A 29 -5.83 0.47 6.71
N VAL A 30 -5.50 1.25 7.73
CA VAL A 30 -5.94 2.65 7.80
C VAL A 30 -5.58 3.41 6.54
N HIS A 31 -4.61 2.89 5.80
CA HIS A 31 -4.17 3.53 4.56
C HIS A 31 -4.96 3.00 3.36
N GLN A 32 -5.12 1.67 3.31
CA GLN A 32 -5.85 1.04 2.21
C GLN A 32 -7.22 1.67 2.04
N ARG A 33 -7.66 2.43 3.05
CA ARG A 33 -8.95 3.08 3.01
C ARG A 33 -9.15 3.83 1.70
N ILE A 34 -8.07 4.41 1.19
CA ILE A 34 -8.13 5.16 -0.06
C ILE A 34 -8.40 4.22 -1.25
N HIS A 35 -8.02 2.96 -1.09
CA HIS A 35 -8.22 1.97 -2.14
C HIS A 35 -9.65 1.46 -2.14
N THR A 36 -10.39 1.76 -1.07
CA THR A 36 -11.78 1.33 -0.95
C THR A 36 -12.71 2.53 -0.76
N GLY A 37 -13.87 2.47 -1.40
CA GLY A 37 -14.83 3.55 -1.28
C GLY A 37 -15.37 3.98 -2.63
N GLU A 38 -16.28 4.95 -2.62
CA GLU A 38 -16.88 5.46 -3.84
C GLU A 38 -15.87 5.44 -4.99
N LYS A 39 -16.29 4.93 -6.14
CA LYS A 39 -15.43 4.85 -7.31
C LYS A 39 -15.88 5.83 -8.39
N PRO A 40 -14.95 6.21 -9.27
CA PRO A 40 -15.24 7.14 -10.38
C PRO A 40 -16.14 6.52 -11.45
N SER A 41 -16.58 5.29 -11.19
CA SER A 41 -17.44 4.58 -12.13
C SER A 41 -16.64 4.09 -13.33
N GLY A 42 -15.58 3.34 -13.06
CA GLY A 42 -14.76 2.81 -14.13
C GLY A 42 -13.88 1.66 -13.67
N PRO A 43 -14.42 0.43 -13.79
CA PRO A 43 -13.69 -0.78 -13.39
C PRO A 43 -12.53 -1.09 -14.32
N SER A 44 -12.41 -0.33 -15.40
CA SER A 44 -11.34 -0.53 -16.36
C SER A 44 -10.48 0.72 -16.48
N SER A 45 -9.24 0.55 -16.94
CA SER A 45 -8.31 1.66 -17.09
C SER A 45 -8.25 2.50 -15.82
N GLY A 46 -8.22 1.82 -14.67
CA GLY A 46 -8.16 2.52 -13.41
C GLY A 46 -7.06 1.96 -12.50
N GLY A 1 23.59 -10.22 -10.36
CA GLY A 1 22.31 -10.71 -10.84
C GLY A 1 21.19 -9.72 -10.62
N SER A 2 20.98 -8.85 -11.60
CA SER A 2 19.94 -7.84 -11.51
C SER A 2 18.64 -8.45 -11.00
N SER A 3 17.86 -7.64 -10.29
CA SER A 3 16.59 -8.08 -9.73
C SER A 3 16.80 -9.26 -8.78
N GLY A 4 17.81 -9.16 -7.94
CA GLY A 4 18.11 -10.22 -6.98
C GLY A 4 17.82 -9.82 -5.56
N SER A 5 17.12 -10.68 -4.83
CA SER A 5 16.77 -10.41 -3.45
C SER A 5 17.94 -10.72 -2.52
N SER A 6 19.11 -10.22 -2.88
CA SER A 6 20.32 -10.44 -2.09
C SER A 6 20.02 -10.26 -0.60
N GLY A 7 19.57 -9.08 -0.23
CA GLY A 7 19.27 -8.81 1.17
C GLY A 7 17.79 -8.55 1.39
N THR A 8 17.39 -8.45 2.66
CA THR A 8 16.00 -8.21 3.01
C THR A 8 15.87 -7.09 4.04
N GLY A 9 14.81 -6.31 3.94
CA GLY A 9 14.59 -5.23 4.88
C GLY A 9 13.37 -4.39 4.52
N GLU A 10 12.19 -4.89 4.86
CA GLU A 10 10.95 -4.18 4.57
C GLU A 10 9.96 -4.32 5.74
N LYS A 11 8.86 -3.57 5.66
CA LYS A 11 7.85 -3.60 6.70
C LYS A 11 7.02 -4.89 6.61
N PRO A 12 6.59 -5.39 7.78
CA PRO A 12 5.78 -6.61 7.87
C PRO A 12 4.37 -6.42 7.31
N TYR A 13 4.03 -5.18 6.99
CA TYR A 13 2.72 -4.86 6.45
C TYR A 13 2.83 -3.91 5.25
N LYS A 14 2.74 -4.48 4.06
CA LYS A 14 2.82 -3.69 2.83
C LYS A 14 1.57 -3.85 1.98
N CYS A 15 1.00 -2.74 1.54
CA CYS A 15 -0.20 -2.76 0.72
C CYS A 15 -0.06 -3.77 -0.42
N ASP A 16 -1.20 -4.27 -0.90
CA ASP A 16 -1.20 -5.23 -1.99
C ASP A 16 -1.80 -4.63 -3.26
N VAL A 17 -1.90 -3.31 -3.27
CA VAL A 17 -2.46 -2.60 -4.43
C VAL A 17 -1.52 -1.51 -4.91
N CYS A 18 -0.87 -0.84 -3.97
CA CYS A 18 0.07 0.23 -4.31
C CYS A 18 1.49 -0.12 -3.84
N HIS A 19 1.59 -1.11 -2.97
CA HIS A 19 2.88 -1.55 -2.45
C HIS A 19 3.41 -0.55 -1.42
N LYS A 20 2.56 -0.17 -0.48
CA LYS A 20 2.94 0.77 0.56
C LYS A 20 3.30 0.03 1.85
N SER A 21 4.58 0.03 2.18
CA SER A 21 5.06 -0.63 3.39
C SER A 21 4.53 0.05 4.63
N PHE A 22 4.38 -0.71 5.71
CA PHE A 22 3.88 -0.18 6.98
C PHE A 22 4.41 -0.98 8.15
N ARG A 23 5.32 -0.38 8.91
CA ARG A 23 5.90 -1.04 10.08
C ARG A 23 4.82 -1.69 10.94
N TYR A 24 3.64 -1.08 10.95
CA TYR A 24 2.52 -1.59 11.73
C TYR A 24 1.38 -2.04 10.83
N GLY A 25 0.65 -3.06 11.27
CA GLY A 25 -0.47 -3.57 10.48
C GLY A 25 -1.62 -2.58 10.42
N SER A 26 -1.92 -1.96 11.54
CA SER A 26 -3.01 -0.98 11.61
C SER A 26 -2.82 0.14 10.60
N SER A 27 -1.59 0.63 10.51
CA SER A 27 -1.26 1.71 9.58
C SER A 27 -1.66 1.34 8.15
N LEU A 28 -1.26 0.15 7.72
CA LEU A 28 -1.58 -0.32 6.37
C LEU A 28 -3.07 -0.18 6.09
N THR A 29 -3.89 -0.88 6.87
CA THR A 29 -5.33 -0.83 6.70
C THR A 29 -5.83 0.61 6.64
N VAL A 30 -5.51 1.39 7.66
CA VAL A 30 -5.91 2.78 7.72
C VAL A 30 -5.54 3.53 6.44
N HIS A 31 -4.55 3.00 5.73
CA HIS A 31 -4.09 3.61 4.49
C HIS A 31 -4.90 3.09 3.30
N GLN A 32 -5.13 1.78 3.28
CA GLN A 32 -5.89 1.17 2.20
C GLN A 32 -7.25 1.84 2.03
N ARG A 33 -7.63 2.65 3.01
CA ARG A 33 -8.91 3.35 2.98
C ARG A 33 -9.11 4.03 1.63
N ILE A 34 -8.03 4.55 1.06
CA ILE A 34 -8.09 5.23 -0.23
C ILE A 34 -8.34 4.23 -1.36
N HIS A 35 -7.93 2.98 -1.15
CA HIS A 35 -8.11 1.94 -2.15
C HIS A 35 -9.54 1.39 -2.11
N THR A 36 -10.23 1.63 -0.99
CA THR A 36 -11.61 1.17 -0.84
C THR A 36 -12.57 2.34 -0.77
N GLY A 37 -13.79 2.13 -1.27
CA GLY A 37 -14.80 3.18 -1.25
C GLY A 37 -15.32 3.49 -2.63
N GLU A 38 -14.42 3.88 -3.53
CA GLU A 38 -14.81 4.23 -4.90
C GLU A 38 -15.71 3.16 -5.50
N LYS A 39 -16.48 3.54 -6.50
CA LYS A 39 -17.39 2.60 -7.16
C LYS A 39 -16.74 1.96 -8.38
N PRO A 40 -16.59 0.63 -8.34
CA PRO A 40 -15.97 -0.13 -9.43
C PRO A 40 -16.84 -0.16 -10.68
N SER A 41 -16.23 0.11 -11.83
CA SER A 41 -16.94 0.11 -13.09
C SER A 41 -17.98 -1.01 -13.14
N GLY A 42 -17.55 -2.21 -12.76
CA GLY A 42 -18.46 -3.35 -12.76
C GLY A 42 -18.35 -4.18 -11.50
N PRO A 43 -19.48 -4.73 -11.03
CA PRO A 43 -19.52 -5.55 -9.83
C PRO A 43 -18.85 -6.91 -10.02
N SER A 44 -18.35 -7.14 -11.23
CA SER A 44 -17.67 -8.39 -11.55
C SER A 44 -16.24 -8.39 -11.03
N SER A 45 -15.57 -9.53 -11.15
CA SER A 45 -14.19 -9.66 -10.68
C SER A 45 -13.36 -8.47 -11.12
N GLY A 46 -12.63 -7.89 -10.17
CA GLY A 46 -11.79 -6.75 -10.47
C GLY A 46 -11.50 -5.90 -9.25
N GLY A 1 25.39 -7.64 -0.63
CA GLY A 1 25.02 -7.49 0.77
C GLY A 1 25.94 -6.52 1.49
N SER A 2 25.45 -5.93 2.58
CA SER A 2 26.22 -4.98 3.37
C SER A 2 26.94 -3.99 2.47
N SER A 3 26.22 -3.50 1.45
CA SER A 3 26.80 -2.55 0.51
C SER A 3 26.22 -1.15 0.74
N GLY A 4 27.08 -0.14 0.61
CA GLY A 4 26.65 1.23 0.82
C GLY A 4 25.89 1.42 2.11
N SER A 5 24.62 1.78 2.01
CA SER A 5 23.78 1.99 3.18
C SER A 5 23.23 0.67 3.70
N SER A 6 23.45 0.40 4.98
CA SER A 6 22.98 -0.83 5.61
C SER A 6 21.54 -0.68 6.08
N GLY A 7 20.61 -1.31 5.36
CA GLY A 7 19.22 -1.24 5.72
C GLY A 7 18.72 -2.51 6.39
N THR A 8 17.97 -2.35 7.47
CA THR A 8 17.44 -3.48 8.21
C THR A 8 15.97 -3.27 8.57
N GLY A 9 15.19 -4.34 8.52
CA GLY A 9 13.78 -4.25 8.85
C GLY A 9 12.91 -4.10 7.62
N GLU A 10 12.12 -5.13 7.33
CA GLU A 10 11.24 -5.10 6.16
C GLU A 10 9.78 -5.00 6.59
N LYS A 11 9.18 -3.84 6.36
CA LYS A 11 7.78 -3.61 6.73
C LYS A 11 6.95 -4.86 6.49
N PRO A 12 6.53 -5.51 7.58
CA PRO A 12 5.73 -6.74 7.51
C PRO A 12 4.31 -6.47 7.02
N TYR A 13 4.02 -5.20 6.73
CA TYR A 13 2.69 -4.80 6.26
C TYR A 13 2.81 -3.84 5.08
N LYS A 14 2.68 -4.38 3.87
CA LYS A 14 2.76 -3.58 2.67
C LYS A 14 1.51 -3.75 1.82
N CYS A 15 0.92 -2.61 1.42
CA CYS A 15 -0.29 -2.63 0.60
C CYS A 15 -0.16 -3.63 -0.55
N ASP A 16 -1.29 -4.16 -0.99
CA ASP A 16 -1.30 -5.12 -2.09
C ASP A 16 -1.92 -4.51 -3.34
N VAL A 17 -2.03 -3.19 -3.36
CA VAL A 17 -2.59 -2.48 -4.50
C VAL A 17 -1.65 -1.38 -4.98
N CYS A 18 -0.99 -0.71 -4.05
CA CYS A 18 -0.06 0.36 -4.39
C CYS A 18 1.35 0.01 -3.94
N HIS A 19 1.47 -1.03 -3.13
CA HIS A 19 2.77 -1.47 -2.63
C HIS A 19 3.32 -0.46 -1.63
N LYS A 20 2.54 -0.15 -0.61
CA LYS A 20 2.96 0.80 0.42
C LYS A 20 3.33 0.07 1.71
N SER A 21 4.61 0.05 2.03
CA SER A 21 5.10 -0.62 3.23
C SER A 21 4.60 0.11 4.49
N PHE A 22 4.39 -0.65 5.55
CA PHE A 22 3.91 -0.09 6.80
C PHE A 22 4.48 -0.86 8.00
N ARG A 23 5.43 -0.24 8.69
CA ARG A 23 6.06 -0.87 9.85
C ARG A 23 5.02 -1.56 10.72
N TYR A 24 3.81 -1.00 10.77
CA TYR A 24 2.72 -1.56 11.56
C TYR A 24 1.55 -1.98 10.67
N GLY A 25 0.81 -2.99 11.11
CA GLY A 25 -0.32 -3.46 10.34
C GLY A 25 -1.48 -2.48 10.36
N SER A 26 -1.67 -1.81 11.49
CA SER A 26 -2.75 -0.84 11.64
C SER A 26 -2.63 0.26 10.59
N SER A 27 -1.44 0.82 10.47
CA SER A 27 -1.19 1.90 9.51
C SER A 27 -1.60 1.48 8.11
N LEU A 28 -1.19 0.27 7.71
CA LEU A 28 -1.51 -0.25 6.39
C LEU A 28 -3.02 -0.15 6.12
N THR A 29 -3.80 -0.88 6.90
CA THR A 29 -5.25 -0.88 6.75
C THR A 29 -5.79 0.55 6.70
N VAL A 30 -5.46 1.34 7.71
CA VAL A 30 -5.91 2.72 7.78
C VAL A 30 -5.58 3.48 6.49
N HIS A 31 -4.60 2.96 5.75
CA HIS A 31 -4.19 3.58 4.49
C HIS A 31 -4.98 3.02 3.32
N GLN A 32 -5.12 1.70 3.29
CA GLN A 32 -5.86 1.04 2.22
C GLN A 32 -7.26 1.63 2.07
N ARG A 33 -7.68 2.40 3.06
CA ARG A 33 -8.99 3.03 3.04
C ARG A 33 -9.23 3.76 1.71
N ILE A 34 -8.17 4.37 1.18
CA ILE A 34 -8.26 5.09 -0.07
C ILE A 34 -8.48 4.15 -1.24
N HIS A 35 -8.08 2.88 -1.06
CA HIS A 35 -8.24 1.87 -2.09
C HIS A 35 -9.66 1.29 -2.09
N THR A 36 -10.37 1.51 -0.99
CA THR A 36 -11.73 1.01 -0.86
C THR A 36 -12.73 2.16 -0.77
N GLY A 37 -12.51 3.20 -1.56
CA GLY A 37 -13.39 4.34 -1.56
C GLY A 37 -14.22 4.44 -2.82
N GLU A 38 -14.46 5.67 -3.27
CA GLU A 38 -15.24 5.90 -4.49
C GLU A 38 -14.38 5.71 -5.73
N LYS A 39 -13.59 4.64 -5.75
CA LYS A 39 -12.72 4.35 -6.87
C LYS A 39 -13.32 3.26 -7.76
N PRO A 40 -13.53 3.59 -9.05
CA PRO A 40 -14.09 2.65 -10.01
C PRO A 40 -13.14 1.51 -10.36
N SER A 41 -11.96 1.54 -9.74
CA SER A 41 -10.95 0.51 -9.97
C SER A 41 -10.30 0.07 -8.67
N GLY A 42 -10.10 -1.23 -8.52
CA GLY A 42 -9.49 -1.75 -7.31
C GLY A 42 -9.63 -3.26 -7.19
N PRO A 43 -8.99 -3.84 -6.16
CA PRO A 43 -9.03 -5.28 -5.92
C PRO A 43 -10.40 -5.75 -5.44
N SER A 44 -11.25 -6.13 -6.40
CA SER A 44 -12.59 -6.60 -6.09
C SER A 44 -12.58 -8.06 -5.70
N SER A 45 -13.75 -8.59 -5.34
CA SER A 45 -13.87 -9.99 -4.94
C SER A 45 -13.97 -10.89 -6.16
N GLY A 46 -13.11 -10.64 -7.15
CA GLY A 46 -13.12 -11.45 -8.35
C GLY A 46 -14.48 -11.47 -9.04
N GLY A 1 10.72 7.52 -14.72
CA GLY A 1 10.43 8.25 -13.52
C GLY A 1 11.02 7.59 -12.28
N SER A 2 11.77 8.36 -11.50
CA SER A 2 12.40 7.84 -10.29
C SER A 2 11.50 6.82 -9.61
N SER A 3 12.09 5.73 -9.15
CA SER A 3 11.34 4.67 -8.48
C SER A 3 10.97 5.08 -7.06
N GLY A 4 9.92 4.45 -6.52
CA GLY A 4 9.48 4.77 -5.17
C GLY A 4 10.25 4.00 -4.11
N SER A 5 11.13 4.69 -3.39
CA SER A 5 11.92 4.05 -2.36
C SER A 5 11.03 3.33 -1.34
N SER A 6 11.37 2.08 -1.04
CA SER A 6 10.59 1.29 -0.09
C SER A 6 11.10 1.49 1.33
N GLY A 7 11.41 2.74 1.67
CA GLY A 7 11.90 3.05 3.00
C GLY A 7 13.32 2.57 3.21
N THR A 8 13.69 2.30 4.46
CA THR A 8 15.03 1.84 4.80
C THR A 8 15.19 0.36 4.49
N GLY A 9 14.34 -0.45 5.09
CA GLY A 9 14.40 -1.89 4.87
C GLY A 9 13.10 -2.46 4.37
N GLU A 10 12.40 -3.20 5.21
CA GLU A 10 11.13 -3.81 4.83
C GLU A 10 10.14 -3.78 6.00
N LYS A 11 8.85 -3.89 5.68
CA LYS A 11 7.81 -3.87 6.69
C LYS A 11 6.95 -5.13 6.61
N PRO A 12 6.49 -5.61 7.77
CA PRO A 12 5.64 -6.81 7.85
C PRO A 12 4.24 -6.57 7.28
N TYR A 13 3.94 -5.32 6.98
CA TYR A 13 2.64 -4.96 6.43
C TYR A 13 2.79 -4.03 5.23
N LYS A 14 2.64 -4.58 4.03
CA LYS A 14 2.76 -3.81 2.81
C LYS A 14 1.50 -3.95 1.94
N CYS A 15 0.95 -2.81 1.53
CA CYS A 15 -0.26 -2.81 0.71
C CYS A 15 -0.12 -3.79 -0.45
N ASP A 16 -1.26 -4.30 -0.92
CA ASP A 16 -1.27 -5.26 -2.03
C ASP A 16 -1.88 -4.63 -3.28
N VAL A 17 -1.94 -3.30 -3.30
CA VAL A 17 -2.50 -2.57 -4.43
C VAL A 17 -1.54 -1.49 -4.92
N CYS A 18 -0.89 -0.82 -3.98
CA CYS A 18 0.05 0.23 -4.32
C CYS A 18 1.46 -0.13 -3.87
N HIS A 19 1.56 -1.14 -3.02
CA HIS A 19 2.85 -1.59 -2.51
C HIS A 19 3.40 -0.62 -1.48
N LYS A 20 2.55 -0.23 -0.53
CA LYS A 20 2.95 0.70 0.53
C LYS A 20 3.29 -0.05 1.80
N SER A 21 4.58 -0.09 2.13
CA SER A 21 5.04 -0.78 3.34
C SER A 21 4.55 -0.07 4.59
N PHE A 22 4.40 -0.83 5.67
CA PHE A 22 3.94 -0.27 6.95
C PHE A 22 4.45 -1.09 8.12
N ARG A 23 5.34 -0.50 8.91
CA ARG A 23 5.92 -1.17 10.06
C ARG A 23 4.81 -1.77 10.94
N TYR A 24 3.65 -1.14 10.94
CA TYR A 24 2.52 -1.61 11.73
C TYR A 24 1.37 -2.06 10.84
N GLY A 25 0.61 -3.05 11.31
CA GLY A 25 -0.51 -3.54 10.54
C GLY A 25 -1.65 -2.56 10.46
N SER A 26 -1.90 -1.85 11.56
CA SER A 26 -2.97 -0.87 11.60
C SER A 26 -2.76 0.22 10.57
N SER A 27 -1.54 0.73 10.48
CA SER A 27 -1.20 1.78 9.53
C SER A 27 -1.60 1.38 8.12
N LEU A 28 -1.22 0.18 7.71
CA LEU A 28 -1.55 -0.33 6.39
C LEU A 28 -3.03 -0.18 6.09
N THR A 29 -3.86 -0.86 6.87
CA THR A 29 -5.30 -0.81 6.69
C THR A 29 -5.79 0.64 6.64
N VAL A 30 -5.47 1.42 7.67
CA VAL A 30 -5.87 2.81 7.72
C VAL A 30 -5.50 3.55 6.44
N HIS A 31 -4.52 3.02 5.72
CA HIS A 31 -4.06 3.62 4.47
C HIS A 31 -4.87 3.10 3.30
N GLN A 32 -5.09 1.79 3.25
CA GLN A 32 -5.85 1.17 2.18
C GLN A 32 -7.21 1.83 2.02
N ARG A 33 -7.59 2.62 3.02
CA ARG A 33 -8.88 3.32 2.99
C ARG A 33 -9.09 4.02 1.65
N ILE A 34 -8.01 4.58 1.11
CA ILE A 34 -8.08 5.27 -0.16
C ILE A 34 -8.33 4.31 -1.31
N HIS A 35 -7.94 3.05 -1.12
CA HIS A 35 -8.13 2.02 -2.13
C HIS A 35 -9.56 1.50 -2.12
N THR A 36 -10.26 1.73 -1.02
CA THR A 36 -11.64 1.29 -0.87
C THR A 36 -12.60 2.47 -0.83
N GLY A 37 -13.83 2.24 -1.29
CA GLY A 37 -14.82 3.30 -1.30
C GLY A 37 -14.88 4.03 -2.62
N GLU A 38 -14.39 5.27 -2.64
CA GLU A 38 -14.40 6.07 -3.85
C GLU A 38 -13.19 5.75 -4.72
N LYS A 39 -13.43 5.50 -6.01
CA LYS A 39 -12.36 5.18 -6.94
C LYS A 39 -12.87 5.16 -8.37
N PRO A 40 -12.31 6.04 -9.21
CA PRO A 40 -12.70 6.14 -10.63
C PRO A 40 -12.27 4.93 -11.44
N SER A 41 -11.03 4.48 -11.23
CA SER A 41 -10.49 3.34 -11.94
C SER A 41 -10.77 2.05 -11.18
N GLY A 42 -11.36 1.07 -11.87
CA GLY A 42 -11.67 -0.20 -11.25
C GLY A 42 -10.45 -1.10 -11.13
N PRO A 43 -10.48 -2.01 -10.14
CA PRO A 43 -9.38 -2.95 -9.90
C PRO A 43 -9.26 -4.00 -11.00
N SER A 44 -8.14 -4.70 -11.02
CA SER A 44 -7.90 -5.74 -12.03
C SER A 44 -9.03 -6.77 -12.02
N SER A 45 -9.44 -7.20 -13.22
CA SER A 45 -10.50 -8.17 -13.35
C SER A 45 -10.00 -9.59 -13.04
N GLY A 46 -10.91 -10.45 -12.62
CA GLY A 46 -10.53 -11.82 -12.29
C GLY A 46 -11.58 -12.52 -11.44
N GLY A 1 12.24 -0.97 -15.58
CA GLY A 1 13.31 -1.84 -15.12
C GLY A 1 12.98 -2.52 -13.80
N SER A 2 14.01 -2.81 -13.01
CA SER A 2 13.83 -3.47 -11.73
C SER A 2 13.25 -2.49 -10.70
N SER A 3 11.94 -2.33 -10.73
CA SER A 3 11.26 -1.43 -9.81
C SER A 3 11.77 -1.63 -8.38
N GLY A 4 12.29 -0.55 -7.79
CA GLY A 4 12.80 -0.64 -6.43
C GLY A 4 14.14 0.07 -6.27
N SER A 5 14.10 1.40 -6.20
CA SER A 5 15.31 2.19 -6.05
C SER A 5 15.70 2.32 -4.57
N SER A 6 14.74 2.74 -3.76
CA SER A 6 14.99 2.91 -2.33
C SER A 6 14.37 1.77 -1.53
N GLY A 7 15.22 0.91 -0.98
CA GLY A 7 14.74 -0.21 -0.20
C GLY A 7 15.57 -0.45 1.05
N THR A 8 15.83 0.63 1.80
CA THR A 8 16.62 0.53 3.01
C THR A 8 16.19 -0.67 3.86
N GLY A 9 14.91 -0.71 4.21
CA GLY A 9 14.40 -1.81 5.01
C GLY A 9 13.09 -2.36 4.47
N GLU A 10 12.35 -3.08 5.31
CA GLU A 10 11.08 -3.66 4.91
C GLU A 10 10.08 -3.63 6.07
N LYS A 11 8.81 -3.85 5.74
CA LYS A 11 7.75 -3.85 6.74
C LYS A 11 6.90 -5.10 6.64
N PRO A 12 6.45 -5.61 7.80
CA PRO A 12 5.61 -6.81 7.87
C PRO A 12 4.22 -6.59 7.31
N TYR A 13 3.90 -5.33 7.00
CA TYR A 13 2.60 -4.98 6.45
C TYR A 13 2.74 -4.02 5.27
N LYS A 14 2.64 -4.56 4.07
CA LYS A 14 2.76 -3.77 2.85
C LYS A 14 1.53 -3.95 1.97
N CYS A 15 0.98 -2.83 1.51
CA CYS A 15 -0.20 -2.85 0.65
C CYS A 15 0.00 -3.82 -0.52
N ASP A 16 -1.10 -4.31 -1.08
CA ASP A 16 -1.05 -5.23 -2.21
C ASP A 16 -1.62 -4.58 -3.47
N VAL A 17 -2.01 -3.31 -3.35
CA VAL A 17 -2.56 -2.59 -4.49
C VAL A 17 -1.60 -1.51 -4.97
N CYS A 18 -0.92 -0.87 -4.02
CA CYS A 18 0.04 0.19 -4.35
C CYS A 18 1.45 -0.19 -3.91
N HIS A 19 1.54 -1.19 -3.04
CA HIS A 19 2.82 -1.65 -2.53
C HIS A 19 3.38 -0.68 -1.50
N LYS A 20 2.56 -0.32 -0.52
CA LYS A 20 2.97 0.61 0.52
C LYS A 20 3.31 -0.13 1.81
N SER A 21 4.59 -0.15 2.16
CA SER A 21 5.05 -0.83 3.36
C SER A 21 4.56 -0.10 4.61
N PHE A 22 4.38 -0.87 5.69
CA PHE A 22 3.89 -0.30 6.95
C PHE A 22 4.40 -1.12 8.13
N ARG A 23 5.36 -0.57 8.86
CA ARG A 23 5.92 -1.25 10.03
C ARG A 23 4.82 -1.83 10.91
N TYR A 24 3.68 -1.16 10.93
CA TYR A 24 2.54 -1.61 11.74
C TYR A 24 1.38 -2.04 10.85
N GLY A 25 0.65 -3.06 11.29
CA GLY A 25 -0.48 -3.54 10.52
C GLY A 25 -1.62 -2.54 10.45
N SER A 26 -1.85 -1.85 11.56
CA SER A 26 -2.92 -0.85 11.63
C SER A 26 -2.72 0.23 10.59
N SER A 27 -1.48 0.69 10.44
CA SER A 27 -1.15 1.73 9.47
C SER A 27 -1.61 1.33 8.07
N LEU A 28 -1.22 0.14 7.65
CA LEU A 28 -1.59 -0.37 6.33
C LEU A 28 -3.07 -0.16 6.07
N THR A 29 -3.91 -0.85 6.85
CA THR A 29 -5.35 -0.75 6.70
C THR A 29 -5.80 0.72 6.66
N VAL A 30 -5.42 1.47 7.69
CA VAL A 30 -5.78 2.89 7.76
C VAL A 30 -5.42 3.61 6.47
N HIS A 31 -4.47 3.05 5.73
CA HIS A 31 -4.03 3.65 4.46
C HIS A 31 -4.89 3.16 3.30
N GLN A 32 -5.08 1.85 3.24
CA GLN A 32 -5.89 1.25 2.17
C GLN A 32 -7.25 1.94 2.07
N ARG A 33 -7.61 2.69 3.10
CA ARG A 33 -8.89 3.39 3.13
C ARG A 33 -9.13 4.11 1.81
N ILE A 34 -8.05 4.52 1.15
CA ILE A 34 -8.15 5.22 -0.13
C ILE A 34 -8.44 4.25 -1.27
N HIS A 35 -7.98 3.02 -1.11
CA HIS A 35 -8.19 1.99 -2.14
C HIS A 35 -9.62 1.48 -2.10
N THR A 36 -10.32 1.75 -1.01
CA THR A 36 -11.70 1.32 -0.84
C THR A 36 -12.66 2.50 -0.93
N GLY A 37 -13.80 2.29 -1.56
CA GLY A 37 -14.80 3.34 -1.70
C GLY A 37 -15.41 3.39 -3.08
N GLU A 38 -16.28 4.37 -3.31
CA GLU A 38 -16.94 4.52 -4.60
C GLU A 38 -16.08 5.33 -5.56
N LYS A 39 -16.20 5.01 -6.85
CA LYS A 39 -15.43 5.73 -7.87
C LYS A 39 -15.58 7.24 -7.72
N PRO A 40 -14.48 7.96 -7.97
CA PRO A 40 -14.47 9.43 -7.88
C PRO A 40 -15.29 10.09 -8.98
N SER A 41 -15.75 9.29 -9.94
CA SER A 41 -16.54 9.80 -11.04
C SER A 41 -17.65 8.82 -11.41
N GLY A 42 -18.75 9.36 -11.95
CA GLY A 42 -19.87 8.52 -12.33
C GLY A 42 -20.89 8.37 -11.22
N PRO A 43 -22.16 8.23 -11.60
CA PRO A 43 -23.26 8.07 -10.64
C PRO A 43 -23.22 6.72 -9.93
N SER A 44 -24.03 6.59 -8.87
CA SER A 44 -24.09 5.35 -8.11
C SER A 44 -24.05 4.14 -9.03
N SER A 45 -23.66 2.99 -8.48
CA SER A 45 -23.57 1.76 -9.25
C SER A 45 -24.29 0.62 -8.53
N GLY A 46 -25.24 -0.01 -9.22
CA GLY A 46 -25.98 -1.11 -8.62
C GLY A 46 -26.38 -0.83 -7.19
N GLY A 1 19.09 6.86 -13.78
CA GLY A 1 20.41 6.32 -14.10
C GLY A 1 20.88 5.32 -13.08
N SER A 2 21.90 4.54 -13.45
CA SER A 2 22.45 3.52 -12.56
C SER A 2 23.42 4.13 -11.55
N SER A 3 22.91 4.49 -10.38
CA SER A 3 23.73 5.10 -9.34
C SER A 3 23.73 4.24 -8.07
N GLY A 4 24.66 3.29 -8.01
CA GLY A 4 24.74 2.42 -6.86
C GLY A 4 23.39 1.87 -6.44
N SER A 5 23.30 1.37 -5.21
CA SER A 5 22.07 0.81 -4.70
C SER A 5 21.59 1.56 -3.46
N SER A 6 20.30 1.89 -3.42
CA SER A 6 19.73 2.61 -2.29
C SER A 6 18.37 2.05 -1.93
N GLY A 7 18.00 2.19 -0.65
CA GLY A 7 16.71 1.68 -0.20
C GLY A 7 16.83 0.43 0.64
N THR A 8 16.67 0.58 1.95
CA THR A 8 16.77 -0.56 2.86
C THR A 8 15.70 -0.49 3.94
N GLY A 9 14.99 -1.59 4.14
CA GLY A 9 13.96 -1.64 5.15
C GLY A 9 13.12 -2.91 5.08
N GLU A 10 12.36 -3.17 6.12
CA GLU A 10 11.51 -4.36 6.18
C GLU A 10 10.19 -4.06 6.87
N LYS A 11 9.09 -4.24 6.14
CA LYS A 11 7.76 -4.00 6.67
C LYS A 11 6.87 -5.22 6.51
N PRO A 12 6.41 -5.76 7.65
CA PRO A 12 5.53 -6.94 7.66
C PRO A 12 4.14 -6.64 7.11
N TYR A 13 3.88 -5.37 6.83
CA TYR A 13 2.59 -4.95 6.31
C TYR A 13 2.76 -4.01 5.12
N LYS A 14 2.53 -4.53 3.92
CA LYS A 14 2.66 -3.74 2.70
C LYS A 14 1.42 -3.87 1.83
N CYS A 15 0.87 -2.73 1.42
CA CYS A 15 -0.33 -2.72 0.58
C CYS A 15 -0.18 -3.70 -0.59
N ASP A 16 -1.30 -4.23 -1.06
CA ASP A 16 -1.30 -5.17 -2.16
C ASP A 16 -1.89 -4.52 -3.42
N VAL A 17 -1.96 -3.20 -3.42
CA VAL A 17 -2.50 -2.46 -4.56
C VAL A 17 -1.54 -1.37 -5.01
N CYS A 18 -0.88 -0.73 -4.06
CA CYS A 18 0.07 0.33 -4.36
C CYS A 18 1.47 -0.04 -3.86
N HIS A 19 1.56 -1.16 -3.15
CA HIS A 19 2.84 -1.61 -2.62
C HIS A 19 3.38 -0.63 -1.58
N LYS A 20 2.53 -0.22 -0.65
CA LYS A 20 2.92 0.72 0.39
C LYS A 20 3.24 -0.02 1.69
N SER A 21 4.53 -0.09 2.01
CA SER A 21 4.97 -0.77 3.24
C SER A 21 4.45 -0.04 4.47
N PHE A 22 4.35 -0.77 5.57
CA PHE A 22 3.87 -0.20 6.83
C PHE A 22 4.43 -0.97 8.03
N ARG A 23 5.41 -0.37 8.70
CA ARG A 23 6.02 -0.99 9.86
C ARG A 23 4.97 -1.66 10.75
N TYR A 24 3.79 -1.06 10.81
CA TYR A 24 2.70 -1.60 11.61
C TYR A 24 1.52 -2.01 10.74
N GLY A 25 0.75 -2.97 11.22
CA GLY A 25 -0.40 -3.46 10.47
C GLY A 25 -1.53 -2.44 10.44
N SER A 26 -1.73 -1.75 11.55
CA SER A 26 -2.79 -0.75 11.64
C SER A 26 -2.63 0.32 10.57
N SER A 27 -1.42 0.84 10.45
CA SER A 27 -1.14 1.89 9.46
C SER A 27 -1.57 1.43 8.07
N LEU A 28 -1.20 0.22 7.71
CA LEU A 28 -1.56 -0.34 6.41
C LEU A 28 -3.05 -0.17 6.13
N THR A 29 -3.87 -0.87 6.91
CA THR A 29 -5.32 -0.80 6.75
C THR A 29 -5.80 0.64 6.72
N VAL A 30 -5.46 1.40 7.74
CA VAL A 30 -5.85 2.80 7.82
C VAL A 30 -5.51 3.54 6.53
N HIS A 31 -4.55 3.01 5.78
CA HIS A 31 -4.12 3.62 4.54
C HIS A 31 -4.94 3.09 3.36
N GLN A 32 -5.09 1.76 3.31
CA GLN A 32 -5.85 1.13 2.23
C GLN A 32 -7.23 1.77 2.09
N ARG A 33 -7.63 2.53 3.10
CA ARG A 33 -8.93 3.20 3.08
C ARG A 33 -9.16 3.89 1.74
N ILE A 34 -8.09 4.44 1.17
CA ILE A 34 -8.19 5.14 -0.11
C ILE A 34 -8.45 4.16 -1.25
N HIS A 35 -7.99 2.93 -1.07
CA HIS A 35 -8.18 1.89 -2.08
C HIS A 35 -9.60 1.34 -2.03
N THR A 36 -10.27 1.52 -0.89
CA THR A 36 -11.63 1.04 -0.72
C THR A 36 -12.61 2.19 -0.58
N GLY A 37 -13.75 2.07 -1.25
CA GLY A 37 -14.76 3.11 -1.19
C GLY A 37 -16.18 2.56 -1.21
N GLU A 38 -17.15 3.44 -1.36
CA GLU A 38 -18.55 3.03 -1.39
C GLU A 38 -19.31 3.74 -2.51
N LYS A 39 -20.14 3.00 -3.22
CA LYS A 39 -20.93 3.57 -4.31
C LYS A 39 -22.42 3.50 -4.00
N PRO A 40 -23.19 4.38 -4.65
CA PRO A 40 -24.65 4.44 -4.46
C PRO A 40 -25.36 3.23 -5.05
N SER A 41 -24.59 2.29 -5.56
CA SER A 41 -25.14 1.08 -6.16
C SER A 41 -26.21 0.46 -5.26
N GLY A 42 -26.88 -0.57 -5.76
CA GLY A 42 -27.92 -1.22 -4.98
C GLY A 42 -27.47 -2.55 -4.40
N PRO A 43 -28.44 -3.37 -3.96
CA PRO A 43 -28.16 -4.68 -3.38
C PRO A 43 -27.64 -5.67 -4.41
N SER A 44 -27.27 -6.86 -3.94
CA SER A 44 -26.76 -7.91 -4.83
C SER A 44 -27.70 -9.11 -4.86
N SER A 45 -28.27 -9.43 -3.69
CA SER A 45 -29.18 -10.56 -3.58
C SER A 45 -30.40 -10.37 -4.48
N GLY A 46 -31.15 -11.45 -4.70
CA GLY A 46 -32.33 -11.37 -5.54
C GLY A 46 -33.52 -10.80 -4.81
N GLY A 1 23.39 -14.09 -5.55
CA GLY A 1 22.04 -14.54 -5.30
C GLY A 1 21.65 -14.43 -3.83
N SER A 2 22.20 -15.33 -3.02
CA SER A 2 21.90 -15.34 -1.59
C SER A 2 21.90 -13.93 -1.03
N SER A 3 20.72 -13.36 -0.86
CA SER A 3 20.58 -12.00 -0.33
C SER A 3 21.59 -11.76 0.79
N GLY A 4 22.31 -10.65 0.70
CA GLY A 4 23.29 -10.32 1.72
C GLY A 4 22.67 -9.68 2.94
N SER A 5 23.51 -9.25 3.87
CA SER A 5 23.04 -8.62 5.10
C SER A 5 22.77 -7.13 4.89
N SER A 6 21.50 -6.78 4.75
CA SER A 6 21.10 -5.39 4.53
C SER A 6 20.53 -4.79 5.81
N GLY A 7 20.83 -3.52 6.05
CA GLY A 7 20.34 -2.84 7.23
C GLY A 7 18.82 -2.75 7.25
N THR A 8 18.24 -2.32 6.14
CA THR A 8 16.79 -2.19 6.03
C THR A 8 16.20 -3.31 5.19
N GLY A 9 15.14 -3.92 5.71
CA GLY A 9 14.49 -5.01 5.00
C GLY A 9 13.19 -4.58 4.34
N GLU A 10 12.09 -4.81 5.04
CA GLU A 10 10.77 -4.45 4.52
C GLU A 10 9.70 -4.62 5.60
N LYS A 11 8.88 -3.58 5.78
CA LYS A 11 7.82 -3.60 6.77
C LYS A 11 7.00 -4.88 6.65
N PRO A 12 6.57 -5.43 7.80
CA PRO A 12 5.77 -6.65 7.84
C PRO A 12 4.36 -6.45 7.31
N TYR A 13 4.03 -5.20 7.02
CA TYR A 13 2.70 -4.87 6.50
C TYR A 13 2.81 -3.90 5.32
N LYS A 14 2.69 -4.44 4.11
CA LYS A 14 2.77 -3.62 2.91
C LYS A 14 1.54 -3.82 2.03
N CYS A 15 0.98 -2.72 1.55
CA CYS A 15 -0.20 -2.76 0.70
C CYS A 15 -0.02 -3.76 -0.44
N ASP A 16 -1.12 -4.21 -1.01
CA ASP A 16 -1.08 -5.17 -2.12
C ASP A 16 -1.61 -4.54 -3.40
N VAL A 17 -1.92 -3.25 -3.34
CA VAL A 17 -2.45 -2.53 -4.49
C VAL A 17 -1.46 -1.45 -4.94
N CYS A 18 -0.82 -0.79 -3.99
CA CYS A 18 0.13 0.27 -4.29
C CYS A 18 1.52 -0.09 -3.76
N HIS A 19 1.60 -1.20 -3.04
CA HIS A 19 2.87 -1.66 -2.47
C HIS A 19 3.40 -0.64 -1.46
N LYS A 20 2.57 -0.27 -0.50
CA LYS A 20 2.96 0.69 0.52
C LYS A 20 3.31 -0.01 1.82
N SER A 21 4.61 -0.03 2.16
CA SER A 21 5.07 -0.68 3.37
C SER A 21 4.54 0.04 4.61
N PHE A 22 4.39 -0.71 5.70
CA PHE A 22 3.88 -0.15 6.95
C PHE A 22 4.42 -0.92 8.15
N ARG A 23 5.33 -0.30 8.90
CA ARG A 23 5.93 -0.93 10.07
C ARG A 23 4.86 -1.57 10.94
N TYR A 24 3.67 -0.99 10.94
CA TYR A 24 2.55 -1.49 11.74
C TYR A 24 1.40 -1.92 10.84
N GLY A 25 0.73 -3.01 11.22
CA GLY A 25 -0.39 -3.51 10.45
C GLY A 25 -1.55 -2.53 10.41
N SER A 26 -1.84 -1.92 11.54
CA SER A 26 -2.94 -0.96 11.64
C SER A 26 -2.78 0.15 10.59
N SER A 27 -1.58 0.70 10.51
CA SER A 27 -1.30 1.77 9.55
C SER A 27 -1.72 1.36 8.14
N LEU A 28 -1.27 0.19 7.72
CA LEU A 28 -1.59 -0.32 6.40
C LEU A 28 -3.07 -0.19 6.11
N THR A 29 -3.89 -0.90 6.88
CA THR A 29 -5.34 -0.87 6.71
C THR A 29 -5.85 0.57 6.65
N VAL A 30 -5.53 1.34 7.68
CA VAL A 30 -5.95 2.73 7.76
C VAL A 30 -5.59 3.48 6.48
N HIS A 31 -4.60 2.97 5.76
CA HIS A 31 -4.15 3.60 4.52
C HIS A 31 -4.95 3.07 3.33
N GLN A 32 -5.08 1.76 3.24
CA GLN A 32 -5.83 1.12 2.16
C GLN A 32 -7.20 1.77 2.00
N ARG A 33 -7.63 2.50 3.03
CA ARG A 33 -8.93 3.16 3.00
C ARG A 33 -9.14 3.90 1.69
N ILE A 34 -8.06 4.48 1.16
CA ILE A 34 -8.12 5.21 -0.09
C ILE A 34 -8.40 4.28 -1.27
N HIS A 35 -7.97 3.04 -1.14
CA HIS A 35 -8.16 2.04 -2.19
C HIS A 35 -9.61 1.53 -2.20
N THR A 36 -10.29 1.71 -1.07
CA THR A 36 -11.67 1.27 -0.94
C THR A 36 -12.62 2.45 -0.92
N GLY A 37 -12.35 3.45 -1.75
CA GLY A 37 -13.19 4.62 -1.81
C GLY A 37 -14.52 4.36 -2.49
N GLU A 38 -14.48 4.20 -3.82
CA GLU A 38 -15.68 3.93 -4.59
C GLU A 38 -15.41 2.90 -5.68
N LYS A 39 -16.41 2.07 -5.98
CA LYS A 39 -16.29 1.05 -7.01
C LYS A 39 -17.26 1.30 -8.15
N PRO A 40 -16.73 1.27 -9.39
CA PRO A 40 -17.54 1.49 -10.59
C PRO A 40 -18.50 0.35 -10.86
N SER A 41 -19.78 0.57 -10.59
CA SER A 41 -20.80 -0.44 -10.80
C SER A 41 -21.25 -0.47 -12.25
N GLY A 42 -20.28 -0.39 -13.16
CA GLY A 42 -20.59 -0.41 -14.58
C GLY A 42 -20.26 -1.73 -15.23
N PRO A 43 -20.63 -1.88 -16.51
CA PRO A 43 -20.40 -3.11 -17.27
C PRO A 43 -18.91 -3.32 -17.57
N SER A 44 -18.08 -2.39 -17.12
CA SER A 44 -16.65 -2.48 -17.34
C SER A 44 -15.88 -1.85 -16.18
N SER A 45 -14.57 -2.12 -16.12
CA SER A 45 -13.73 -1.59 -15.06
C SER A 45 -14.12 -2.19 -13.71
N GLY A 46 -14.40 -3.49 -13.70
CA GLY A 46 -14.79 -4.15 -12.46
C GLY A 46 -14.15 -5.51 -12.32
N GLY A 1 20.76 16.70 -4.93
CA GLY A 1 20.98 16.16 -3.60
C GLY A 1 20.82 14.65 -3.56
N SER A 2 19.63 14.20 -3.17
CA SER A 2 19.34 12.77 -3.07
C SER A 2 19.09 12.18 -4.46
N SER A 3 19.79 11.09 -4.76
CA SER A 3 19.64 10.43 -6.05
C SER A 3 19.35 8.94 -5.87
N GLY A 4 20.26 8.24 -5.19
CA GLY A 4 20.09 6.82 -4.96
C GLY A 4 19.29 6.54 -3.71
N SER A 5 19.80 6.98 -2.57
CA SER A 5 19.13 6.76 -1.29
C SER A 5 18.49 5.38 -1.24
N SER A 6 19.22 4.38 -1.73
CA SER A 6 18.73 3.02 -1.75
C SER A 6 19.31 2.22 -0.59
N GLY A 7 18.51 2.02 0.46
CA GLY A 7 18.96 1.29 1.62
C GLY A 7 17.97 1.35 2.76
N THR A 8 16.95 0.50 2.72
CA THR A 8 15.93 0.46 3.75
C THR A 8 15.34 -0.94 3.89
N GLY A 9 15.09 -1.34 5.13
CA GLY A 9 14.51 -2.66 5.39
C GLY A 9 13.14 -2.82 4.76
N GLU A 10 12.41 -3.83 5.22
CA GLU A 10 11.07 -4.09 4.70
C GLU A 10 10.05 -4.22 5.85
N LYS A 11 8.87 -3.64 5.64
CA LYS A 11 7.82 -3.69 6.65
C LYS A 11 7.01 -4.97 6.53
N PRO A 12 6.57 -5.51 7.68
CA PRO A 12 5.77 -6.73 7.72
C PRO A 12 4.37 -6.53 7.16
N TYR A 13 4.00 -5.28 6.91
CA TYR A 13 2.69 -4.96 6.38
C TYR A 13 2.80 -4.01 5.19
N LYS A 14 2.68 -4.55 3.99
CA LYS A 14 2.77 -3.75 2.77
C LYS A 14 1.50 -3.89 1.94
N CYS A 15 0.95 -2.76 1.50
CA CYS A 15 -0.26 -2.76 0.69
C CYS A 15 -0.15 -3.76 -0.44
N ASP A 16 -1.30 -4.22 -0.92
CA ASP A 16 -1.34 -5.20 -2.02
C ASP A 16 -1.91 -4.57 -3.28
N VAL A 17 -1.95 -3.23 -3.30
CA VAL A 17 -2.48 -2.51 -4.46
C VAL A 17 -1.49 -1.44 -4.93
N CYS A 18 -0.83 -0.79 -3.97
CA CYS A 18 0.14 0.25 -4.29
C CYS A 18 1.52 -0.11 -3.76
N HIS A 19 1.60 -1.23 -3.04
CA HIS A 19 2.86 -1.69 -2.48
C HIS A 19 3.41 -0.68 -1.47
N LYS A 20 2.58 -0.32 -0.50
CA LYS A 20 2.98 0.62 0.54
C LYS A 20 3.33 -0.10 1.83
N SER A 21 4.61 -0.10 2.19
CA SER A 21 5.07 -0.75 3.41
C SER A 21 4.52 -0.04 4.64
N PHE A 22 4.35 -0.81 5.72
CA PHE A 22 3.84 -0.25 6.96
C PHE A 22 4.35 -1.04 8.16
N ARG A 23 5.30 -0.46 8.89
CA ARG A 23 5.88 -1.11 10.05
C ARG A 23 4.79 -1.70 10.94
N TYR A 24 3.61 -1.08 10.92
CA TYR A 24 2.49 -1.53 11.73
C TYR A 24 1.31 -1.93 10.84
N GLY A 25 0.64 -3.03 11.21
CA GLY A 25 -0.49 -3.49 10.45
C GLY A 25 -1.64 -2.49 10.43
N SER A 26 -1.87 -1.83 11.56
CA SER A 26 -2.94 -0.85 11.68
C SER A 26 -2.78 0.24 10.63
N SER A 27 -1.57 0.79 10.53
CA SER A 27 -1.28 1.85 9.58
C SER A 27 -1.68 1.43 8.16
N LEU A 28 -1.27 0.23 7.77
CA LEU A 28 -1.57 -0.30 6.45
C LEU A 28 -3.06 -0.17 6.15
N THR A 29 -3.88 -0.86 6.94
CA THR A 29 -5.32 -0.82 6.75
C THR A 29 -5.84 0.60 6.69
N VAL A 30 -5.52 1.39 7.72
CA VAL A 30 -5.95 2.78 7.77
C VAL A 30 -5.55 3.53 6.50
N HIS A 31 -4.59 2.98 5.77
CA HIS A 31 -4.13 3.60 4.54
C HIS A 31 -4.91 3.07 3.33
N GLN A 32 -5.09 1.76 3.29
CA GLN A 32 -5.81 1.12 2.20
C GLN A 32 -7.19 1.76 2.01
N ARG A 33 -7.61 2.54 3.00
CA ARG A 33 -8.90 3.21 2.96
C ARG A 33 -9.08 3.94 1.62
N ILE A 34 -7.99 4.51 1.10
CA ILE A 34 -8.03 5.23 -0.16
C ILE A 34 -8.26 4.28 -1.33
N HIS A 35 -7.89 3.02 -1.14
CA HIS A 35 -8.06 2.00 -2.18
C HIS A 35 -9.48 1.47 -2.18
N THR A 36 -10.21 1.71 -1.10
CA THR A 36 -11.58 1.25 -0.98
C THR A 36 -12.56 2.42 -0.89
N GLY A 37 -13.61 2.37 -1.69
CA GLY A 37 -14.60 3.43 -1.67
C GLY A 37 -14.36 4.45 -2.78
N GLU A 38 -13.27 5.19 -2.67
CA GLU A 38 -12.93 6.20 -3.67
C GLU A 38 -11.80 5.73 -4.58
N LYS A 39 -11.76 6.26 -5.79
CA LYS A 39 -10.73 5.89 -6.76
C LYS A 39 -9.47 6.70 -6.54
N PRO A 40 -8.35 6.00 -6.28
CA PRO A 40 -7.05 6.64 -6.05
C PRO A 40 -6.47 7.26 -7.33
N SER A 41 -5.59 8.23 -7.16
CA SER A 41 -4.97 8.91 -8.29
C SER A 41 -3.66 8.23 -8.68
N GLY A 42 -3.23 8.45 -9.91
CA GLY A 42 -1.99 7.86 -10.38
C GLY A 42 -1.44 8.56 -11.61
N PRO A 43 -0.18 9.03 -11.51
CA PRO A 43 0.48 9.72 -12.62
C PRO A 43 0.81 8.80 -13.77
N SER A 44 -0.12 8.67 -14.71
CA SER A 44 0.07 7.81 -15.87
C SER A 44 1.11 8.40 -16.82
N SER A 45 1.77 7.53 -17.58
CA SER A 45 2.79 7.97 -18.53
C SER A 45 2.67 7.21 -19.85
N GLY A 46 3.03 7.88 -20.94
CA GLY A 46 2.95 7.26 -22.24
C GLY A 46 4.12 6.35 -22.53
N GLY A 1 16.81 5.77 -16.17
CA GLY A 1 15.39 5.73 -15.95
C GLY A 1 15.01 4.82 -14.79
N SER A 2 14.99 5.38 -13.58
CA SER A 2 14.66 4.61 -12.39
C SER A 2 13.22 4.90 -11.95
N SER A 3 12.41 3.87 -11.90
CA SER A 3 11.01 4.02 -11.49
C SER A 3 10.91 4.40 -10.02
N GLY A 4 11.54 3.61 -9.16
CA GLY A 4 11.52 3.90 -7.73
C GLY A 4 11.74 2.66 -6.90
N SER A 5 12.97 2.17 -6.88
CA SER A 5 13.31 0.97 -6.12
C SER A 5 14.01 1.35 -4.81
N SER A 6 13.45 2.34 -4.12
CA SER A 6 14.02 2.79 -2.85
C SER A 6 13.59 1.89 -1.70
N GLY A 7 14.55 1.49 -0.87
CA GLY A 7 14.25 0.63 0.26
C GLY A 7 15.26 0.77 1.38
N THR A 8 14.77 0.94 2.60
CA THR A 8 15.65 1.08 3.75
C THR A 8 15.49 -0.10 4.71
N GLY A 9 14.36 -0.79 4.62
CA GLY A 9 14.11 -1.93 5.48
C GLY A 9 12.96 -2.79 4.98
N GLU A 10 12.52 -3.71 5.83
CA GLU A 10 11.41 -4.61 5.47
C GLU A 10 10.22 -4.39 6.40
N LYS A 11 9.04 -4.18 5.80
CA LYS A 11 7.83 -3.96 6.56
C LYS A 11 6.92 -5.19 6.51
N PRO A 12 6.47 -5.65 7.68
CA PRO A 12 5.59 -6.82 7.79
C PRO A 12 4.19 -6.53 7.26
N TYR A 13 3.92 -5.27 6.94
CA TYR A 13 2.62 -4.87 6.42
C TYR A 13 2.77 -3.93 5.23
N LYS A 14 2.60 -4.47 4.03
CA LYS A 14 2.71 -3.67 2.81
C LYS A 14 1.48 -3.84 1.93
N CYS A 15 0.91 -2.73 1.50
CA CYS A 15 -0.27 -2.74 0.65
C CYS A 15 -0.10 -3.70 -0.51
N ASP A 16 -1.20 -4.26 -0.99
CA ASP A 16 -1.17 -5.19 -2.10
C ASP A 16 -1.79 -4.57 -3.36
N VAL A 17 -1.90 -3.25 -3.36
CA VAL A 17 -2.47 -2.53 -4.49
C VAL A 17 -1.53 -1.44 -4.98
N CYS A 18 -0.89 -0.76 -4.05
CA CYS A 18 0.04 0.32 -4.38
C CYS A 18 1.46 -0.02 -3.92
N HIS A 19 1.57 -1.04 -3.07
CA HIS A 19 2.86 -1.46 -2.55
C HIS A 19 3.37 -0.48 -1.50
N LYS A 20 2.50 -0.11 -0.57
CA LYS A 20 2.87 0.82 0.50
C LYS A 20 3.22 0.07 1.78
N SER A 21 4.49 0.02 2.10
CA SER A 21 4.97 -0.67 3.31
C SER A 21 4.45 0.03 4.56
N PHE A 22 4.37 -0.72 5.66
CA PHE A 22 3.89 -0.17 6.93
C PHE A 22 4.42 -0.98 8.10
N ARG A 23 5.41 -0.43 8.81
CA ARG A 23 6.01 -1.10 9.95
C ARG A 23 4.93 -1.73 10.83
N TYR A 24 3.75 -1.12 10.84
CA TYR A 24 2.64 -1.61 11.65
C TYR A 24 1.48 -2.05 10.76
N GLY A 25 0.67 -2.99 11.25
CA GLY A 25 -0.46 -3.47 10.49
C GLY A 25 -1.60 -2.48 10.45
N SER A 26 -1.80 -1.77 11.56
CA SER A 26 -2.86 -0.77 11.64
C SER A 26 -2.69 0.31 10.58
N SER A 27 -1.46 0.82 10.46
CA SER A 27 -1.17 1.85 9.48
C SER A 27 -1.60 1.43 8.08
N LEU A 28 -1.22 0.22 7.70
CA LEU A 28 -1.57 -0.31 6.38
C LEU A 28 -3.05 -0.15 6.11
N THR A 29 -3.88 -0.86 6.89
CA THR A 29 -5.32 -0.79 6.73
C THR A 29 -5.81 0.65 6.67
N VAL A 30 -5.48 1.43 7.70
CA VAL A 30 -5.88 2.83 7.77
C VAL A 30 -5.52 3.56 6.48
N HIS A 31 -4.56 3.01 5.74
CA HIS A 31 -4.13 3.61 4.48
C HIS A 31 -4.93 3.07 3.31
N GLN A 32 -5.10 1.76 3.27
CA GLN A 32 -5.86 1.11 2.21
C GLN A 32 -7.24 1.74 2.05
N ARG A 33 -7.64 2.53 3.05
CA ARG A 33 -8.94 3.18 3.03
C ARG A 33 -9.17 3.88 1.69
N ILE A 34 -8.10 4.44 1.13
CA ILE A 34 -8.18 5.14 -0.15
C ILE A 34 -8.46 4.16 -1.29
N HIS A 35 -8.04 2.91 -1.11
CA HIS A 35 -8.25 1.88 -2.12
C HIS A 35 -9.66 1.32 -2.05
N THR A 36 -10.33 1.55 -0.93
CA THR A 36 -11.70 1.07 -0.73
C THR A 36 -12.68 2.22 -0.65
N GLY A 37 -13.70 2.18 -1.50
CA GLY A 37 -14.70 3.24 -1.51
C GLY A 37 -14.58 4.15 -2.72
N GLU A 38 -13.93 5.30 -2.53
CA GLU A 38 -13.75 6.26 -3.61
C GLU A 38 -12.27 6.42 -3.95
N LYS A 39 -11.96 6.41 -5.24
CA LYS A 39 -10.58 6.54 -5.71
C LYS A 39 -10.35 7.92 -6.33
N PRO A 40 -9.14 8.46 -6.16
CA PRO A 40 -8.77 9.77 -6.70
C PRO A 40 -8.66 9.76 -8.22
N SER A 41 -9.12 10.85 -8.84
CA SER A 41 -9.07 10.96 -10.30
C SER A 41 -7.67 10.67 -10.82
N GLY A 42 -7.60 10.03 -11.99
CA GLY A 42 -6.31 9.70 -12.58
C GLY A 42 -5.51 8.76 -11.72
N PRO A 43 -5.23 7.55 -12.27
CA PRO A 43 -4.46 6.53 -11.56
C PRO A 43 -2.99 6.91 -11.41
N SER A 44 -2.19 5.98 -10.88
CA SER A 44 -0.77 6.21 -10.68
C SER A 44 0.06 5.38 -11.65
N SER A 45 1.22 5.91 -12.04
CA SER A 45 2.11 5.22 -12.95
C SER A 45 3.35 4.70 -12.24
N GLY A 46 3.78 3.50 -12.60
CA GLY A 46 4.95 2.91 -11.98
C GLY A 46 4.79 1.42 -11.73
N GLY A 1 27.42 -10.96 -7.70
CA GLY A 1 26.52 -10.19 -8.54
C GLY A 1 25.55 -9.36 -7.72
N SER A 2 24.29 -9.34 -8.13
CA SER A 2 23.27 -8.58 -7.43
C SER A 2 23.07 -9.09 -6.02
N SER A 3 23.56 -8.32 -5.04
CA SER A 3 23.45 -8.70 -3.64
C SER A 3 22.55 -7.72 -2.89
N GLY A 4 22.07 -8.15 -1.72
CA GLY A 4 21.20 -7.29 -0.93
C GLY A 4 21.10 -7.76 0.51
N SER A 5 22.24 -7.83 1.19
CA SER A 5 22.27 -8.28 2.58
C SER A 5 22.46 -7.09 3.51
N SER A 6 21.53 -6.94 4.46
CA SER A 6 21.58 -5.84 5.41
C SER A 6 20.67 -6.11 6.61
N GLY A 7 21.05 -5.58 7.77
CA GLY A 7 20.25 -5.79 8.96
C GLY A 7 19.08 -4.82 9.05
N THR A 8 18.16 -4.93 8.10
CA THR A 8 16.98 -4.07 8.06
C THR A 8 15.71 -4.89 8.13
N GLY A 9 14.72 -4.37 8.86
CA GLY A 9 13.45 -5.05 9.00
C GLY A 9 12.43 -4.59 7.99
N GLU A 10 12.21 -5.39 6.95
CA GLU A 10 11.25 -5.05 5.91
C GLU A 10 9.84 -4.96 6.48
N LYS A 11 9.17 -3.83 6.24
CA LYS A 11 7.82 -3.62 6.73
C LYS A 11 6.99 -4.90 6.59
N PRO A 12 6.55 -5.44 7.74
CA PRO A 12 5.73 -6.66 7.77
C PRO A 12 4.33 -6.44 7.22
N TYR A 13 4.03 -5.19 6.85
CA TYR A 13 2.72 -4.85 6.32
C TYR A 13 2.85 -3.88 5.15
N LYS A 14 2.63 -4.39 3.94
CA LYS A 14 2.73 -3.57 2.74
C LYS A 14 1.49 -3.74 1.88
N CYS A 15 0.90 -2.62 1.46
CA CYS A 15 -0.30 -2.64 0.63
C CYS A 15 -0.14 -3.62 -0.52
N ASP A 16 -1.27 -4.15 -1.00
CA ASP A 16 -1.25 -5.11 -2.10
C ASP A 16 -1.86 -4.50 -3.36
N VAL A 17 -2.00 -3.18 -3.35
CA VAL A 17 -2.57 -2.47 -4.49
C VAL A 17 -1.64 -1.35 -4.97
N CYS A 18 -0.94 -0.72 -4.02
CA CYS A 18 -0.02 0.36 -4.34
C CYS A 18 1.39 0.02 -3.85
N HIS A 19 1.51 -1.09 -3.13
CA HIS A 19 2.81 -1.52 -2.60
C HIS A 19 3.34 -0.51 -1.59
N LYS A 20 2.51 -0.14 -0.63
CA LYS A 20 2.89 0.82 0.40
C LYS A 20 3.26 0.11 1.70
N SER A 21 4.55 0.06 2.01
CA SER A 21 5.02 -0.59 3.21
C SER A 21 4.52 0.14 4.46
N PHE A 22 4.37 -0.61 5.55
CA PHE A 22 3.90 -0.03 6.81
C PHE A 22 4.48 -0.79 8.00
N ARG A 23 5.45 -0.18 8.67
CA ARG A 23 6.08 -0.80 9.83
C ARG A 23 5.05 -1.53 10.68
N TYR A 24 3.84 -1.00 10.72
CA TYR A 24 2.76 -1.59 11.51
C TYR A 24 1.59 -2.00 10.61
N GLY A 25 0.83 -3.00 11.05
CA GLY A 25 -0.31 -3.45 10.28
C GLY A 25 -1.47 -2.47 10.31
N SER A 26 -1.72 -1.90 11.49
CA SER A 26 -2.80 -0.94 11.64
C SER A 26 -2.69 0.20 10.64
N SER A 27 -1.47 0.71 10.48
CA SER A 27 -1.22 1.81 9.56
C SER A 27 -1.61 1.41 8.14
N LEU A 28 -1.21 0.22 7.73
CA LEU A 28 -1.52 -0.28 6.38
C LEU A 28 -3.02 -0.17 6.10
N THR A 29 -3.83 -0.89 6.88
CA THR A 29 -5.27 -0.87 6.70
C THR A 29 -5.80 0.56 6.66
N VAL A 30 -5.51 1.32 7.71
CA VAL A 30 -5.95 2.70 7.79
C VAL A 30 -5.61 3.47 6.51
N HIS A 31 -4.64 2.96 5.77
CA HIS A 31 -4.22 3.60 4.52
C HIS A 31 -5.00 3.04 3.34
N GLN A 32 -5.16 1.72 3.32
CA GLN A 32 -5.89 1.05 2.24
C GLN A 32 -7.28 1.67 2.07
N ARG A 33 -7.70 2.45 3.04
CA ARG A 33 -9.01 3.11 3.00
C ARG A 33 -9.22 3.81 1.66
N ILE A 34 -8.16 4.42 1.16
CA ILE A 34 -8.23 5.13 -0.13
C ILE A 34 -8.43 4.17 -1.28
N HIS A 35 -8.07 2.91 -1.07
CA HIS A 35 -8.22 1.88 -2.10
C HIS A 35 -9.63 1.32 -2.10
N THR A 36 -10.52 1.95 -1.32
CA THR A 36 -11.90 1.50 -1.22
C THR A 36 -12.86 2.69 -1.15
N GLY A 37 -14.03 2.55 -1.75
CA GLY A 37 -15.01 3.62 -1.74
C GLY A 37 -15.78 3.71 -3.05
N GLU A 38 -16.72 4.65 -3.11
CA GLU A 38 -17.53 4.84 -4.31
C GLU A 38 -17.09 6.08 -5.07
N LYS A 39 -16.22 5.89 -6.05
CA LYS A 39 -15.72 7.00 -6.85
C LYS A 39 -16.13 6.85 -8.31
N PRO A 40 -16.39 7.98 -8.98
CA PRO A 40 -16.79 7.98 -10.40
C PRO A 40 -15.65 7.58 -11.32
N SER A 41 -15.64 6.31 -11.71
CA SER A 41 -14.60 5.79 -12.60
C SER A 41 -15.00 5.96 -14.06
N GLY A 42 -14.67 7.12 -14.63
CA GLY A 42 -15.01 7.38 -16.02
C GLY A 42 -14.94 6.13 -16.88
N PRO A 43 -15.89 6.01 -17.83
CA PRO A 43 -15.96 4.86 -18.74
C PRO A 43 -14.80 4.85 -19.74
N SER A 44 -13.89 5.80 -19.60
CA SER A 44 -12.75 5.90 -20.50
C SER A 44 -11.75 4.78 -20.24
N SER A 45 -12.16 3.54 -20.52
CA SER A 45 -11.31 2.38 -20.31
C SER A 45 -10.13 2.39 -21.28
N GLY A 46 -9.34 1.33 -21.25
CA GLY A 46 -8.19 1.23 -22.13
C GLY A 46 -8.11 -0.10 -22.85
N GLY A 1 11.06 9.75 2.30
CA GLY A 1 11.38 9.40 0.94
C GLY A 1 12.12 8.08 0.83
N SER A 2 12.85 7.90 -0.26
CA SER A 2 13.61 6.66 -0.48
C SER A 2 15.02 6.97 -0.96
N SER A 3 15.90 7.30 -0.02
CA SER A 3 17.29 7.62 -0.34
C SER A 3 18.25 6.64 0.35
N GLY A 4 18.46 5.49 -0.28
CA GLY A 4 19.34 4.49 0.29
C GLY A 4 18.99 4.13 1.72
N SER A 5 17.79 3.58 1.90
CA SER A 5 17.33 3.19 3.23
C SER A 5 18.47 2.62 4.07
N SER A 6 18.71 3.22 5.22
CA SER A 6 19.78 2.78 6.12
C SER A 6 19.37 1.51 6.87
N GLY A 7 20.33 0.62 7.07
CA GLY A 7 20.04 -0.62 7.78
C GLY A 7 19.10 -1.53 7.01
N THR A 8 17.89 -1.72 7.54
CA THR A 8 16.91 -2.57 6.90
C THR A 8 15.55 -2.45 7.60
N GLY A 9 14.49 -2.29 6.79
CA GLY A 9 13.16 -2.17 7.35
C GLY A 9 12.36 -3.45 7.21
N GLU A 10 12.04 -3.82 5.98
CA GLU A 10 11.27 -5.03 5.72
C GLU A 10 9.91 -4.96 6.40
N LYS A 11 9.16 -3.90 6.11
CA LYS A 11 7.84 -3.71 6.70
C LYS A 11 7.00 -4.97 6.56
N PRO A 12 6.56 -5.53 7.70
CA PRO A 12 5.74 -6.74 7.73
C PRO A 12 4.34 -6.51 7.19
N TYR A 13 4.01 -5.25 6.91
CA TYR A 13 2.70 -4.89 6.38
C TYR A 13 2.82 -3.93 5.21
N LYS A 14 2.63 -4.46 4.00
CA LYS A 14 2.72 -3.66 2.78
C LYS A 14 1.46 -3.81 1.94
N CYS A 15 0.91 -2.69 1.49
CA CYS A 15 -0.29 -2.71 0.66
C CYS A 15 -0.15 -3.69 -0.50
N ASP A 16 -1.28 -4.21 -0.97
CA ASP A 16 -1.28 -5.17 -2.07
C ASP A 16 -1.88 -4.54 -3.32
N VAL A 17 -1.96 -3.21 -3.34
CA VAL A 17 -2.52 -2.49 -4.48
C VAL A 17 -1.56 -1.40 -4.96
N CYS A 18 -0.90 -0.74 -4.01
CA CYS A 18 0.04 0.32 -4.34
C CYS A 18 1.44 -0.03 -3.83
N HIS A 19 1.55 -1.14 -3.12
CA HIS A 19 2.84 -1.58 -2.58
C HIS A 19 3.37 -0.57 -1.56
N LYS A 20 2.52 -0.21 -0.61
CA LYS A 20 2.90 0.75 0.43
C LYS A 20 3.25 0.02 1.72
N SER A 21 4.54 -0.01 2.04
CA SER A 21 5.01 -0.67 3.26
C SER A 21 4.52 0.05 4.50
N PHE A 22 4.37 -0.69 5.60
CA PHE A 22 3.90 -0.12 6.85
C PHE A 22 4.44 -0.90 8.04
N ARG A 23 5.42 -0.33 8.73
CA ARG A 23 6.02 -0.97 9.89
C ARG A 23 4.95 -1.54 10.81
N TYR A 24 3.76 -0.95 10.76
CA TYR A 24 2.66 -1.40 11.59
C TYR A 24 1.48 -1.88 10.74
N GLY A 25 0.82 -2.92 11.19
CA GLY A 25 -0.32 -3.46 10.45
C GLY A 25 -1.48 -2.49 10.39
N SER A 26 -1.83 -1.91 11.54
CA SER A 26 -2.93 -0.96 11.61
C SER A 26 -2.75 0.16 10.59
N SER A 27 -1.53 0.67 10.50
CA SER A 27 -1.22 1.75 9.56
C SER A 27 -1.62 1.37 8.14
N LEU A 28 -1.22 0.18 7.71
CA LEU A 28 -1.54 -0.30 6.38
C LEU A 28 -3.03 -0.18 6.09
N THR A 29 -3.83 -0.90 6.85
CA THR A 29 -5.28 -0.87 6.68
C THR A 29 -5.79 0.56 6.65
N VAL A 30 -5.50 1.32 7.70
CA VAL A 30 -5.93 2.71 7.78
C VAL A 30 -5.57 3.48 6.52
N HIS A 31 -4.60 2.96 5.77
CA HIS A 31 -4.17 3.60 4.53
C HIS A 31 -4.96 3.06 3.34
N GLN A 32 -5.13 1.75 3.28
CA GLN A 32 -5.86 1.11 2.20
C GLN A 32 -7.24 1.74 2.04
N ARG A 33 -7.67 2.51 3.04
CA ARG A 33 -8.96 3.16 3.01
C ARG A 33 -9.16 3.90 1.68
N ILE A 34 -8.09 4.48 1.16
CA ILE A 34 -8.15 5.20 -0.10
C ILE A 34 -8.40 4.26 -1.27
N HIS A 35 -8.00 3.00 -1.10
CA HIS A 35 -8.18 1.99 -2.14
C HIS A 35 -9.61 1.45 -2.14
N THR A 36 -10.31 1.65 -1.03
CA THR A 36 -11.68 1.19 -0.89
C THR A 36 -12.65 2.36 -0.80
N GLY A 37 -13.94 2.08 -1.00
CA GLY A 37 -14.95 3.12 -0.94
C GLY A 37 -14.90 4.04 -2.15
N GLU A 38 -16.08 4.42 -2.64
CA GLU A 38 -16.17 5.29 -3.80
C GLU A 38 -16.76 6.65 -3.40
N LYS A 39 -15.90 7.54 -2.93
CA LYS A 39 -16.34 8.87 -2.52
C LYS A 39 -15.47 9.95 -3.15
N PRO A 40 -16.05 11.15 -3.37
CA PRO A 40 -15.36 12.28 -3.97
C PRO A 40 -14.28 12.86 -3.05
N SER A 41 -13.08 13.04 -3.59
CA SER A 41 -11.98 13.58 -2.81
C SER A 41 -11.48 14.89 -3.40
N GLY A 42 -10.87 15.72 -2.57
CA GLY A 42 -10.36 17.01 -3.04
C GLY A 42 -9.58 16.89 -4.34
N PRO A 43 -10.01 17.65 -5.36
CA PRO A 43 -9.36 17.64 -6.68
C PRO A 43 -7.98 18.27 -6.64
N SER A 44 -7.33 18.34 -7.80
CA SER A 44 -5.99 18.91 -7.91
C SER A 44 -5.58 19.05 -9.37
N SER A 45 -4.81 20.09 -9.66
CA SER A 45 -4.34 20.34 -11.02
C SER A 45 -2.95 19.75 -11.24
N GLY A 46 -2.02 20.12 -10.37
CA GLY A 46 -0.66 19.62 -10.48
C GLY A 46 0.27 20.59 -11.18
N GLY A 1 23.03 9.89 -6.39
CA GLY A 1 22.67 10.20 -5.02
C GLY A 1 23.88 10.28 -4.11
N SER A 2 24.27 9.16 -3.54
CA SER A 2 25.41 9.11 -2.64
C SER A 2 25.16 9.94 -1.39
N SER A 3 23.94 9.83 -0.86
CA SER A 3 23.56 10.58 0.34
C SER A 3 23.29 9.63 1.51
N GLY A 4 22.34 8.72 1.32
CA GLY A 4 22.01 7.77 2.37
C GLY A 4 21.99 6.34 1.87
N SER A 5 22.80 5.49 2.48
CA SER A 5 22.88 4.09 2.09
C SER A 5 21.52 3.56 1.66
N SER A 6 21.52 2.65 0.69
CA SER A 6 20.28 2.08 0.19
C SER A 6 19.26 1.91 1.31
N GLY A 7 18.13 2.62 1.19
CA GLY A 7 17.10 2.53 2.20
C GLY A 7 15.91 1.72 1.74
N THR A 8 16.04 0.40 1.77
CA THR A 8 14.96 -0.49 1.35
C THR A 8 13.87 -0.59 2.41
N GLY A 9 14.29 -0.87 3.64
CA GLY A 9 13.33 -0.98 4.74
C GLY A 9 12.61 -2.31 4.74
N GLU A 10 12.04 -2.67 5.88
CA GLU A 10 11.32 -3.93 6.02
C GLU A 10 10.06 -3.75 6.86
N LYS A 11 8.91 -4.09 6.29
CA LYS A 11 7.64 -3.96 6.99
C LYS A 11 6.77 -5.20 6.76
N PRO A 12 6.30 -5.81 7.86
CA PRO A 12 5.45 -7.01 7.79
C PRO A 12 4.06 -6.69 7.25
N TYR A 13 3.84 -5.42 6.89
CA TYR A 13 2.55 -5.00 6.36
C TYR A 13 2.73 -4.04 5.18
N LYS A 14 2.49 -4.55 3.98
CA LYS A 14 2.63 -3.74 2.78
C LYS A 14 1.39 -3.88 1.89
N CYS A 15 0.85 -2.74 1.46
CA CYS A 15 -0.33 -2.73 0.60
C CYS A 15 -0.17 -3.71 -0.57
N ASP A 16 -1.29 -4.21 -1.07
CA ASP A 16 -1.26 -5.15 -2.19
C ASP A 16 -1.86 -4.52 -3.44
N VAL A 17 -1.98 -3.19 -3.42
CA VAL A 17 -2.52 -2.46 -4.56
C VAL A 17 -1.57 -1.37 -5.04
N CYS A 18 -0.88 -0.74 -4.08
CA CYS A 18 0.07 0.32 -4.40
C CYS A 18 1.47 -0.06 -3.93
N HIS A 19 1.57 -1.14 -3.16
CA HIS A 19 2.86 -1.60 -2.64
C HIS A 19 3.38 -0.64 -1.58
N LYS A 20 2.51 -0.19 -0.70
CA LYS A 20 2.89 0.73 0.37
C LYS A 20 3.22 -0.02 1.65
N SER A 21 4.50 -0.14 1.95
CA SER A 21 4.95 -0.84 3.15
C SER A 21 4.49 -0.12 4.41
N PHE A 22 4.38 -0.85 5.52
CA PHE A 22 3.96 -0.27 6.78
C PHE A 22 4.50 -1.08 7.96
N ARG A 23 5.47 -0.51 8.65
CA ARG A 23 6.08 -1.18 9.81
C ARG A 23 5.01 -1.82 10.69
N TYR A 24 3.84 -1.17 10.76
CA TYR A 24 2.74 -1.67 11.58
C TYR A 24 1.56 -2.07 10.70
N GLY A 25 0.75 -3.00 11.20
CA GLY A 25 -0.41 -3.46 10.45
C GLY A 25 -1.53 -2.43 10.44
N SER A 26 -1.74 -1.76 11.56
CA SER A 26 -2.79 -0.76 11.67
C SER A 26 -2.61 0.33 10.62
N SER A 27 -1.37 0.77 10.44
CA SER A 27 -1.06 1.81 9.47
C SER A 27 -1.53 1.41 8.07
N LEU A 28 -1.15 0.20 7.66
CA LEU A 28 -1.52 -0.31 6.34
C LEU A 28 -3.02 -0.14 6.10
N THR A 29 -3.82 -0.86 6.87
CA THR A 29 -5.27 -0.79 6.74
C THR A 29 -5.75 0.65 6.71
N VAL A 30 -5.37 1.42 7.73
CA VAL A 30 -5.76 2.83 7.82
C VAL A 30 -5.41 3.57 6.53
N HIS A 31 -4.50 3.01 5.76
CA HIS A 31 -4.08 3.62 4.50
C HIS A 31 -4.89 3.07 3.33
N GLN A 32 -5.07 1.76 3.30
CA GLN A 32 -5.84 1.11 2.23
C GLN A 32 -7.22 1.74 2.10
N ARG A 33 -7.60 2.54 3.09
CA ARG A 33 -8.91 3.20 3.08
C ARG A 33 -9.15 3.90 1.75
N ILE A 34 -8.08 4.45 1.18
CA ILE A 34 -8.17 5.16 -0.10
C ILE A 34 -8.42 4.18 -1.24
N HIS A 35 -8.02 2.93 -1.05
CA HIS A 35 -8.20 1.91 -2.08
C HIS A 35 -9.62 1.36 -2.04
N THR A 36 -10.31 1.58 -0.92
CA THR A 36 -11.68 1.10 -0.76
C THR A 36 -12.66 2.27 -0.64
N GLY A 37 -13.72 2.23 -1.43
CA GLY A 37 -14.72 3.29 -1.39
C GLY A 37 -14.26 4.54 -2.13
N GLU A 38 -14.97 4.89 -3.19
CA GLU A 38 -14.63 6.07 -3.97
C GLU A 38 -15.85 6.57 -4.76
N LYS A 39 -15.67 7.67 -5.48
CA LYS A 39 -16.74 8.24 -6.28
C LYS A 39 -16.46 8.08 -7.76
N PRO A 40 -17.53 7.84 -8.54
CA PRO A 40 -17.42 7.65 -10.00
C PRO A 40 -17.06 8.95 -10.72
N SER A 41 -16.88 10.02 -9.95
CA SER A 41 -16.55 11.32 -10.52
C SER A 41 -15.61 11.17 -11.71
N GLY A 42 -14.53 10.41 -11.51
CA GLY A 42 -13.56 10.19 -12.57
C GLY A 42 -13.83 8.91 -13.34
N PRO A 43 -13.05 8.69 -14.41
CA PRO A 43 -13.19 7.49 -15.25
C PRO A 43 -12.74 6.22 -14.54
N SER A 44 -12.29 6.38 -13.30
CA SER A 44 -11.82 5.24 -12.50
C SER A 44 -12.97 4.62 -11.72
N SER A 45 -12.73 3.44 -11.17
CA SER A 45 -13.74 2.73 -10.39
C SER A 45 -14.60 3.72 -9.61
N GLY A 46 -15.88 3.38 -9.46
CA GLY A 46 -16.79 4.24 -8.72
C GLY A 46 -16.27 4.59 -7.34
N GLY A 1 21.28 9.96 -12.44
CA GLY A 1 20.82 9.55 -13.76
C GLY A 1 19.31 9.42 -13.83
N SER A 2 18.80 8.23 -13.54
CA SER A 2 17.37 7.98 -13.59
C SER A 2 16.86 7.49 -12.23
N SER A 3 17.50 6.45 -11.71
CA SER A 3 17.11 5.88 -10.42
C SER A 3 18.35 5.57 -9.57
N GLY A 4 18.53 6.35 -8.51
CA GLY A 4 19.67 6.14 -7.63
C GLY A 4 19.34 6.44 -6.18
N SER A 5 18.20 5.94 -5.71
CA SER A 5 17.77 6.16 -4.34
C SER A 5 18.25 5.03 -3.44
N SER A 6 18.32 5.31 -2.13
CA SER A 6 18.77 4.32 -1.16
C SER A 6 17.74 4.15 -0.04
N GLY A 7 17.37 2.91 0.22
CA GLY A 7 16.40 2.63 1.26
C GLY A 7 15.28 1.71 0.79
N THR A 8 15.35 0.45 1.20
CA THR A 8 14.35 -0.53 0.81
C THR A 8 13.38 -0.81 1.95
N GLY A 9 12.09 -0.80 1.65
CA GLY A 9 11.07 -1.05 2.66
C GLY A 9 10.89 -2.52 2.94
N GLU A 10 11.07 -2.91 4.21
CA GLU A 10 10.93 -4.31 4.61
C GLU A 10 9.96 -4.44 5.78
N LYS A 11 8.84 -3.72 5.69
CA LYS A 11 7.82 -3.76 6.74
C LYS A 11 6.98 -5.02 6.63
N PRO A 12 6.53 -5.54 7.79
CA PRO A 12 5.70 -6.74 7.85
C PRO A 12 4.31 -6.53 7.29
N TYR A 13 3.98 -5.27 7.01
CA TYR A 13 2.67 -4.92 6.46
C TYR A 13 2.81 -3.98 5.27
N LYS A 14 2.67 -4.54 4.06
CA LYS A 14 2.78 -3.75 2.84
C LYS A 14 1.51 -3.90 2.00
N CYS A 15 0.99 -2.76 1.54
CA CYS A 15 -0.22 -2.76 0.72
C CYS A 15 -0.10 -3.74 -0.43
N ASP A 16 -1.23 -4.28 -0.88
CA ASP A 16 -1.26 -5.23 -1.98
C ASP A 16 -1.84 -4.60 -3.23
N VAL A 17 -1.88 -3.28 -3.27
CA VAL A 17 -2.43 -2.55 -4.41
C VAL A 17 -1.46 -1.48 -4.89
N CYS A 18 -0.82 -0.80 -3.95
CA CYS A 18 0.15 0.25 -4.28
C CYS A 18 1.54 -0.13 -3.79
N HIS A 19 1.63 -1.18 -2.99
CA HIS A 19 2.90 -1.63 -2.46
C HIS A 19 3.46 -0.65 -1.44
N LYS A 20 2.61 -0.25 -0.48
CA LYS A 20 3.02 0.69 0.56
C LYS A 20 3.35 -0.05 1.85
N SER A 21 4.64 -0.09 2.18
CA SER A 21 5.09 -0.77 3.39
C SER A 21 4.58 -0.04 4.64
N PHE A 22 4.40 -0.79 5.73
CA PHE A 22 3.93 -0.23 6.98
C PHE A 22 4.43 -1.03 8.17
N ARG A 23 5.35 -0.43 8.93
CA ARG A 23 5.92 -1.09 10.10
C ARG A 23 4.82 -1.68 10.97
N TYR A 24 3.65 -1.05 10.94
CA TYR A 24 2.53 -1.50 11.75
C TYR A 24 1.38 -1.99 10.86
N GLY A 25 0.65 -2.99 11.34
CA GLY A 25 -0.46 -3.54 10.57
C GLY A 25 -1.63 -2.57 10.48
N SER A 26 -1.93 -1.90 11.59
CA SER A 26 -3.03 -0.95 11.63
C SER A 26 -2.82 0.17 10.62
N SER A 27 -1.59 0.65 10.52
CA SER A 27 -1.25 1.72 9.61
C SER A 27 -1.64 1.35 8.17
N LEU A 28 -1.24 0.16 7.75
CA LEU A 28 -1.54 -0.32 6.41
C LEU A 28 -3.02 -0.18 6.10
N THR A 29 -3.85 -0.89 6.86
CA THR A 29 -5.30 -0.84 6.67
C THR A 29 -5.79 0.59 6.62
N VAL A 30 -5.49 1.37 7.66
CA VAL A 30 -5.91 2.76 7.73
C VAL A 30 -5.54 3.51 6.45
N HIS A 31 -4.54 2.99 5.73
CA HIS A 31 -4.08 3.61 4.50
C HIS A 31 -4.88 3.08 3.31
N GLN A 32 -5.08 1.77 3.27
CA GLN A 32 -5.82 1.14 2.18
C GLN A 32 -7.19 1.80 2.01
N ARG A 33 -7.59 2.59 2.98
CA ARG A 33 -8.87 3.28 2.94
C ARG A 33 -9.05 3.99 1.60
N ILE A 34 -7.97 4.56 1.08
CA ILE A 34 -8.01 5.27 -0.19
C ILE A 34 -8.24 4.31 -1.35
N HIS A 35 -7.89 3.04 -1.14
CA HIS A 35 -8.06 2.01 -2.17
C HIS A 35 -9.49 1.49 -2.16
N THR A 36 -10.21 1.72 -1.07
CA THR A 36 -11.59 1.26 -0.95
C THR A 36 -12.54 2.45 -0.81
N GLY A 37 -13.49 2.55 -1.73
CA GLY A 37 -14.46 3.63 -1.69
C GLY A 37 -15.82 3.22 -2.20
N GLU A 38 -16.69 2.79 -1.30
CA GLU A 38 -18.03 2.36 -1.66
C GLU A 38 -19.09 3.28 -1.04
N LYS A 39 -19.83 3.98 -1.89
CA LYS A 39 -20.87 4.89 -1.43
C LYS A 39 -22.06 4.90 -2.40
N PRO A 40 -23.24 4.54 -1.87
CA PRO A 40 -24.48 4.50 -2.67
C PRO A 40 -24.95 5.89 -3.08
N SER A 41 -25.93 5.94 -3.97
CA SER A 41 -26.47 7.21 -4.44
C SER A 41 -28.00 7.19 -4.43
N GLY A 42 -28.59 7.99 -3.56
CA GLY A 42 -30.04 8.06 -3.46
C GLY A 42 -30.64 9.12 -4.35
N PRO A 43 -31.30 10.11 -3.73
CA PRO A 43 -31.93 11.22 -4.46
C PRO A 43 -30.91 12.17 -5.08
N SER A 44 -29.63 11.90 -4.80
CA SER A 44 -28.56 12.73 -5.34
C SER A 44 -28.64 12.82 -6.86
N SER A 45 -28.40 14.01 -7.40
CA SER A 45 -28.44 14.23 -8.84
C SER A 45 -27.15 13.76 -9.50
N GLY A 46 -27.28 12.95 -10.53
CA GLY A 46 -26.11 12.43 -11.24
C GLY A 46 -25.85 13.18 -12.54
N GLY A 1 17.62 -5.83 -19.75
CA GLY A 1 16.81 -7.02 -19.61
C GLY A 1 15.90 -6.95 -18.39
N SER A 2 16.46 -7.28 -17.23
CA SER A 2 15.70 -7.25 -15.98
C SER A 2 16.47 -6.56 -14.88
N SER A 3 15.85 -5.59 -14.23
CA SER A 3 16.49 -4.85 -13.15
C SER A 3 15.93 -5.26 -11.79
N GLY A 4 16.64 -4.91 -10.73
CA GLY A 4 16.20 -5.27 -9.39
C GLY A 4 16.88 -4.43 -8.33
N SER A 5 16.12 -3.56 -7.69
CA SER A 5 16.65 -2.69 -6.63
C SER A 5 17.08 -3.51 -5.42
N SER A 6 17.65 -2.84 -4.42
CA SER A 6 18.10 -3.50 -3.21
C SER A 6 16.98 -3.57 -2.18
N GLY A 7 16.28 -2.46 -1.99
CA GLY A 7 15.19 -2.41 -1.04
C GLY A 7 15.63 -1.87 0.31
N THR A 8 15.22 -0.64 0.61
CA THR A 8 15.58 0.00 1.86
C THR A 8 14.34 0.28 2.70
N GLY A 9 14.12 -0.56 3.72
CA GLY A 9 12.96 -0.37 4.59
C GLY A 9 11.90 -1.43 4.36
N GLU A 10 12.04 -2.56 5.05
CA GLU A 10 11.09 -3.65 4.92
C GLU A 10 10.09 -3.64 6.07
N LYS A 11 8.81 -3.84 5.74
CA LYS A 11 7.75 -3.85 6.73
C LYS A 11 6.90 -5.11 6.61
N PRO A 12 6.44 -5.63 7.76
CA PRO A 12 5.60 -6.83 7.82
C PRO A 12 4.22 -6.60 7.24
N TYR A 13 3.89 -5.34 6.99
CA TYR A 13 2.58 -4.98 6.46
C TYR A 13 2.72 -4.03 5.27
N LYS A 14 2.64 -4.59 4.07
CA LYS A 14 2.76 -3.79 2.84
C LYS A 14 1.52 -3.97 1.97
N CYS A 15 0.96 -2.84 1.53
CA CYS A 15 -0.22 -2.87 0.67
C CYS A 15 -0.04 -3.85 -0.48
N ASP A 16 -1.16 -4.29 -1.06
CA ASP A 16 -1.12 -5.23 -2.17
C ASP A 16 -1.66 -4.58 -3.45
N VAL A 17 -1.99 -3.30 -3.36
CA VAL A 17 -2.51 -2.56 -4.50
C VAL A 17 -1.53 -1.49 -4.96
N CYS A 18 -0.90 -0.83 -4.00
CA CYS A 18 0.08 0.22 -4.31
C CYS A 18 1.48 -0.18 -3.85
N HIS A 19 1.54 -1.19 -2.99
CA HIS A 19 2.82 -1.67 -2.47
C HIS A 19 3.39 -0.71 -1.44
N LYS A 20 2.55 -0.30 -0.50
CA LYS A 20 2.97 0.63 0.55
C LYS A 20 3.32 -0.12 1.83
N SER A 21 4.61 -0.16 2.17
CA SER A 21 5.07 -0.85 3.36
C SER A 21 4.57 -0.14 4.62
N PHE A 22 4.38 -0.91 5.68
CA PHE A 22 3.91 -0.36 6.95
C PHE A 22 4.44 -1.17 8.13
N ARG A 23 5.33 -0.55 8.91
CA ARG A 23 5.91 -1.21 10.07
C ARG A 23 4.83 -1.85 10.94
N TYR A 24 3.64 -1.26 10.93
CA TYR A 24 2.53 -1.78 11.71
C TYR A 24 1.35 -2.13 10.82
N GLY A 25 0.59 -3.15 11.22
CA GLY A 25 -0.57 -3.56 10.44
C GLY A 25 -1.65 -2.52 10.41
N SER A 26 -1.87 -1.84 11.54
CA SER A 26 -2.90 -0.81 11.65
C SER A 26 -2.68 0.27 10.59
N SER A 27 -1.44 0.71 10.45
CA SER A 27 -1.10 1.74 9.49
C SER A 27 -1.56 1.35 8.08
N LEU A 28 -1.21 0.14 7.67
CA LEU A 28 -1.59 -0.36 6.35
C LEU A 28 -3.08 -0.16 6.09
N THR A 29 -3.91 -0.79 6.91
CA THR A 29 -5.36 -0.68 6.78
C THR A 29 -5.79 0.78 6.72
N VAL A 30 -5.41 1.55 7.73
CA VAL A 30 -5.75 2.96 7.79
C VAL A 30 -5.38 3.68 6.49
N HIS A 31 -4.47 3.08 5.73
CA HIS A 31 -4.03 3.65 4.46
C HIS A 31 -4.90 3.15 3.31
N GLN A 32 -5.09 1.84 3.26
CA GLN A 32 -5.89 1.22 2.20
C GLN A 32 -7.24 1.93 2.07
N ARG A 33 -7.60 2.70 3.09
CA ARG A 33 -8.87 3.43 3.07
C ARG A 33 -9.08 4.13 1.74
N ILE A 34 -7.98 4.49 1.09
CA ILE A 34 -8.06 5.16 -0.21
C ILE A 34 -8.41 4.19 -1.32
N HIS A 35 -7.95 2.94 -1.17
CA HIS A 35 -8.22 1.90 -2.17
C HIS A 35 -9.64 1.37 -2.01
N THR A 36 -10.24 1.60 -0.85
CA THR A 36 -11.59 1.14 -0.59
C THR A 36 -12.56 2.32 -0.42
N GLY A 37 -13.82 2.10 -0.77
CA GLY A 37 -14.82 3.14 -0.65
C GLY A 37 -15.89 3.03 -1.72
N GLU A 38 -16.46 1.84 -1.87
CA GLU A 38 -17.50 1.61 -2.87
C GLU A 38 -17.00 1.93 -4.27
N LYS A 39 -15.78 1.50 -4.56
CA LYS A 39 -15.17 1.73 -5.87
C LYS A 39 -15.32 0.50 -6.76
N PRO A 40 -15.72 0.73 -8.02
CA PRO A 40 -15.90 -0.35 -9.00
C PRO A 40 -14.58 -0.96 -9.44
N SER A 41 -13.47 -0.32 -9.06
CA SER A 41 -12.15 -0.79 -9.41
C SER A 41 -11.97 -2.25 -8.99
N GLY A 42 -11.36 -3.05 -9.86
CA GLY A 42 -11.14 -4.45 -9.57
C GLY A 42 -10.04 -4.66 -8.54
N PRO A 43 -10.34 -5.42 -7.49
CA PRO A 43 -9.39 -5.71 -6.41
C PRO A 43 -8.26 -6.62 -6.87
N SER A 44 -8.27 -6.96 -8.16
CA SER A 44 -7.25 -7.84 -8.72
C SER A 44 -5.86 -7.42 -8.26
N SER A 45 -5.37 -8.07 -7.20
CA SER A 45 -4.06 -7.76 -6.65
C SER A 45 -3.05 -7.51 -7.76
N GLY A 46 -3.11 -8.34 -8.80
CA GLY A 46 -2.20 -8.20 -9.93
C GLY A 46 -2.33 -9.32 -10.93
N GLY A 1 14.35 8.71 -3.31
CA GLY A 1 14.11 7.30 -3.09
C GLY A 1 14.53 6.84 -1.71
N SER A 2 13.84 5.82 -1.19
CA SER A 2 14.14 5.30 0.13
C SER A 2 15.32 4.34 0.08
N SER A 3 16.38 4.75 -0.60
CA SER A 3 17.58 3.93 -0.73
C SER A 3 18.82 4.68 -0.25
N GLY A 4 19.67 4.00 0.49
CA GLY A 4 20.88 4.63 1.01
C GLY A 4 21.16 4.26 2.45
N SER A 5 20.11 4.20 3.26
CA SER A 5 20.25 3.86 4.67
C SER A 5 19.24 2.80 5.08
N SER A 6 19.59 1.54 4.85
CA SER A 6 18.72 0.42 5.20
C SER A 6 19.53 -0.85 5.43
N GLY A 7 19.28 -1.50 6.56
CA GLY A 7 20.00 -2.72 6.88
C GLY A 7 19.12 -3.74 7.60
N THR A 8 18.77 -4.81 6.90
CA THR A 8 17.94 -5.86 7.48
C THR A 8 16.66 -5.27 8.06
N GLY A 9 16.05 -4.34 7.34
CA GLY A 9 14.82 -3.72 7.81
C GLY A 9 13.74 -3.71 6.75
N GLU A 10 12.65 -4.43 7.02
CA GLU A 10 11.53 -4.52 6.08
C GLU A 10 10.20 -4.33 6.81
N LYS A 11 9.16 -3.99 6.05
CA LYS A 11 7.84 -3.78 6.62
C LYS A 11 6.99 -5.05 6.48
N PRO A 12 6.55 -5.58 7.63
CA PRO A 12 5.72 -6.79 7.66
C PRO A 12 4.31 -6.55 7.12
N TYR A 13 4.00 -5.29 6.84
CA TYR A 13 2.69 -4.92 6.31
C TYR A 13 2.82 -3.96 5.14
N LYS A 14 2.61 -4.48 3.94
CA LYS A 14 2.69 -3.66 2.73
C LYS A 14 1.45 -3.82 1.86
N CYS A 15 0.88 -2.69 1.45
CA CYS A 15 -0.32 -2.71 0.62
C CYS A 15 -0.17 -3.70 -0.53
N ASP A 16 -1.30 -4.23 -1.00
CA ASP A 16 -1.29 -5.19 -2.09
C ASP A 16 -1.90 -4.58 -3.35
N VAL A 17 -2.00 -3.25 -3.37
CA VAL A 17 -2.57 -2.54 -4.52
C VAL A 17 -1.64 -1.44 -4.99
N CYS A 18 -0.97 -0.79 -4.04
CA CYS A 18 -0.04 0.29 -4.37
C CYS A 18 1.37 -0.04 -3.88
N HIS A 19 1.49 -1.14 -3.16
CA HIS A 19 2.78 -1.56 -2.63
C HIS A 19 3.32 -0.57 -1.61
N LYS A 20 2.47 -0.19 -0.66
CA LYS A 20 2.86 0.76 0.38
C LYS A 20 3.20 0.04 1.67
N SER A 21 4.49 -0.01 1.99
CA SER A 21 4.96 -0.67 3.21
C SER A 21 4.43 0.04 4.45
N PHE A 22 4.35 -0.70 5.55
CA PHE A 22 3.87 -0.13 6.81
C PHE A 22 4.43 -0.90 8.00
N ARG A 23 5.39 -0.31 8.69
CA ARG A 23 6.01 -0.94 9.84
C ARG A 23 4.95 -1.60 10.73
N TYR A 24 3.78 -1.00 10.79
CA TYR A 24 2.68 -1.54 11.59
C TYR A 24 1.53 -1.99 10.72
N GLY A 25 0.81 -3.00 11.17
CA GLY A 25 -0.33 -3.51 10.42
C GLY A 25 -1.48 -2.55 10.38
N SER A 26 -1.76 -1.91 11.51
CA SER A 26 -2.86 -0.96 11.60
C SER A 26 -2.69 0.16 10.57
N SER A 27 -1.47 0.69 10.47
CA SER A 27 -1.19 1.76 9.52
C SER A 27 -1.60 1.37 8.11
N LEU A 28 -1.21 0.17 7.69
CA LEU A 28 -1.54 -0.32 6.36
C LEU A 28 -3.04 -0.17 6.09
N THR A 29 -3.86 -0.86 6.87
CA THR A 29 -5.30 -0.81 6.72
C THR A 29 -5.80 0.63 6.68
N VAL A 30 -5.48 1.40 7.71
CA VAL A 30 -5.88 2.79 7.80
C VAL A 30 -5.54 3.54 6.53
N HIS A 31 -4.57 3.01 5.77
CA HIS A 31 -4.15 3.63 4.53
C HIS A 31 -4.96 3.10 3.35
N GLN A 32 -5.14 1.79 3.30
CA GLN A 32 -5.89 1.16 2.23
C GLN A 32 -7.26 1.81 2.07
N ARG A 33 -7.66 2.59 3.08
CA ARG A 33 -8.96 3.26 3.05
C ARG A 33 -9.17 3.95 1.70
N ILE A 34 -8.11 4.51 1.14
CA ILE A 34 -8.19 5.20 -0.14
C ILE A 34 -8.48 4.22 -1.27
N HIS A 35 -8.05 2.97 -1.10
CA HIS A 35 -8.27 1.94 -2.10
C HIS A 35 -9.68 1.40 -2.02
N THR A 36 -10.34 1.61 -0.89
CA THR A 36 -11.71 1.15 -0.68
C THR A 36 -12.67 2.32 -0.52
N GLY A 37 -13.92 2.10 -0.89
CA GLY A 37 -14.93 3.15 -0.78
C GLY A 37 -15.02 4.00 -2.03
N GLU A 38 -13.94 4.71 -2.34
CA GLU A 38 -13.91 5.57 -3.53
C GLU A 38 -13.33 4.82 -4.73
N LYS A 39 -13.96 5.01 -5.88
CA LYS A 39 -13.51 4.36 -7.11
C LYS A 39 -12.17 4.92 -7.57
N PRO A 40 -11.13 4.08 -7.57
CA PRO A 40 -9.78 4.47 -7.98
C PRO A 40 -9.69 4.73 -9.48
N SER A 41 -10.19 3.79 -10.26
CA SER A 41 -10.15 3.92 -11.72
C SER A 41 -11.06 2.88 -12.37
N GLY A 42 -11.48 3.15 -13.61
CA GLY A 42 -12.34 2.23 -14.32
C GLY A 42 -11.65 1.62 -15.53
N PRO A 43 -12.32 0.64 -16.17
CA PRO A 43 -11.79 -0.05 -17.35
C PRO A 43 -11.75 0.86 -18.57
N SER A 44 -10.57 1.05 -19.14
CA SER A 44 -10.40 1.89 -20.31
C SER A 44 -11.15 1.31 -21.51
N SER A 45 -11.56 2.20 -22.42
CA SER A 45 -12.30 1.77 -23.60
C SER A 45 -12.32 2.89 -24.65
N GLY A 46 -12.59 2.52 -25.90
CA GLY A 46 -12.65 3.49 -26.97
C GLY A 46 -13.27 4.80 -26.54
#